data_7KIU
#
_entry.id   7KIU
#
_cell.length_a   52.313
_cell.length_b   72.671
_cell.length_c   73.169
_cell.angle_alpha   85.394
_cell.angle_beta   80.558
_cell.angle_gamma   88.392
#
_symmetry.space_group_name_H-M   'P 1'
#
loop_
_entity.id
_entity.type
_entity.pdbx_description
1 polymer 'Deoxyribonuclease gamma'
2 non-polymer 'MAGNESIUM ION'
3 water water
#
_entity_poly.entity_id   1
_entity_poly.type   'polypeptide(L)'
_entity_poly.pdbx_seq_one_letter_code
;GDITHMASMTGGQQMGRDPMRICSFNVRSFGESKQEDKNAMDVIVKVIKRCDIILVMEIKDSNNRICPILMEKLNRNSRR
GITYNYVISSRLGRNTYKEQYAFLYKEKLVSVKRSYHYHDYQDGDADVFSREPFVVWFQSPHTAVKDFVIIPLHTTPETS
VKEIDELVEVYTDVKHRWKAENFIFMGDFNAGCSYVPKKAWKNIRLRTDPRFVWLIGDQEDTTVKKSTNCAYDRIVLRGQ
EIVSSVVPKSNSVFDFQKAYKLTEEEALDVSDHFPVEFKLQ
;
_entity_poly.pdbx_strand_id   A,B,C,D
#
loop_
_chem_comp.id
_chem_comp.type
_chem_comp.name
_chem_comp.formula
MG non-polymer 'MAGNESIUM ION' 'Mg 2'
#
# COMPACT_ATOMS: atom_id res chain seq x y z
N PRO A 19 38.42 0.24 -17.10
CA PRO A 19 37.15 0.97 -17.16
C PRO A 19 36.03 0.23 -16.43
N MET A 20 35.33 0.95 -15.57
CA MET A 20 34.29 0.34 -14.71
C MET A 20 32.92 0.42 -15.37
N ARG A 21 32.21 -0.70 -15.37
CA ARG A 21 30.87 -0.80 -15.99
C ARG A 21 29.76 -0.68 -14.95
N ILE A 22 28.80 0.21 -15.18
CA ILE A 22 27.64 0.42 -14.31
C ILE A 22 26.39 0.06 -15.12
N CYS A 23 25.53 -0.77 -14.54
CA CYS A 23 24.39 -1.39 -15.21
C CYS A 23 23.15 -1.18 -14.37
N SER A 24 22.00 -1.13 -15.03
CA SER A 24 20.73 -1.16 -14.39
C SER A 24 19.95 -2.25 -15.09
N PHE A 25 19.28 -3.08 -14.28
CA PHE A 25 18.61 -4.28 -14.77
C PHE A 25 17.28 -4.50 -14.06
N ASN A 26 16.17 -4.33 -14.77
CA ASN A 26 14.88 -4.71 -14.27
C ASN A 26 14.66 -6.19 -14.51
N VAL A 27 14.72 -6.99 -13.43
CA VAL A 27 14.48 -8.41 -13.44
C VAL A 27 13.08 -8.66 -13.00
N ARG A 28 12.24 -9.09 -13.96
CA ARG A 28 10.84 -9.25 -13.72
C ARG A 28 10.59 -10.19 -12.52
N SER A 29 9.93 -9.65 -11.47
CA SER A 29 9.44 -10.42 -10.32
C SER A 29 10.54 -11.31 -9.73
N PHE A 30 11.60 -10.65 -9.27
CA PHE A 30 12.76 -11.40 -8.72
C PHE A 30 12.40 -11.83 -7.31
N GLY A 31 11.66 -12.92 -7.21
CA GLY A 31 11.27 -13.48 -5.92
C GLY A 31 11.88 -14.85 -5.74
N GLU A 32 11.43 -15.57 -4.70
CA GLU A 32 11.99 -16.91 -4.38
C GLU A 32 11.79 -17.88 -5.54
N SER A 33 10.64 -17.81 -6.20
CA SER A 33 10.35 -18.69 -7.33
C SER A 33 11.42 -18.64 -8.43
N LYS A 34 11.95 -17.43 -8.69
CA LYS A 34 12.90 -17.27 -9.76
C LYS A 34 14.22 -18.00 -9.50
N GLN A 35 14.55 -18.19 -8.22
CA GLN A 35 15.80 -18.90 -7.82
C GLN A 35 15.79 -20.33 -8.33
N GLU A 36 14.62 -20.86 -8.64
CA GLU A 36 14.49 -22.29 -9.02
C GLU A 36 14.70 -22.52 -10.51
N ASP A 37 14.52 -21.51 -11.34
CA ASP A 37 14.84 -21.70 -12.76
C ASP A 37 16.35 -21.57 -12.91
N LYS A 38 17.07 -22.69 -12.85
CA LYS A 38 18.56 -22.62 -12.88
C LYS A 38 19.04 -21.94 -14.15
N ASN A 39 18.41 -22.23 -15.29
CA ASN A 39 18.77 -21.60 -16.55
C ASN A 39 18.68 -20.08 -16.53
N ALA A 40 17.54 -19.57 -16.07
CA ALA A 40 17.33 -18.12 -15.95
C ALA A 40 18.28 -17.54 -14.91
N MET A 41 18.53 -18.28 -13.84
CA MET A 41 19.38 -17.80 -12.76
C MET A 41 20.83 -17.71 -13.23
N ASP A 42 21.29 -18.69 -14.02
CA ASP A 42 22.64 -18.65 -14.56
C ASP A 42 22.83 -17.45 -15.53
N VAL A 43 21.82 -17.12 -16.34
CA VAL A 43 21.89 -15.95 -17.19
C VAL A 43 22.00 -14.69 -16.35
N ILE A 44 21.19 -14.60 -15.28
CA ILE A 44 21.22 -13.42 -14.40
C ILE A 44 22.58 -13.23 -13.73
N VAL A 45 23.15 -14.32 -13.24
CA VAL A 45 24.48 -14.28 -12.65
C VAL A 45 25.52 -13.79 -13.67
N LYS A 46 25.48 -14.32 -14.90
CA LYS A 46 26.41 -13.90 -15.96
C LYS A 46 26.25 -12.42 -16.25
N VAL A 47 25.01 -11.93 -16.32
CA VAL A 47 24.81 -10.50 -16.55
C VAL A 47 25.46 -9.63 -15.45
N ILE A 48 25.22 -10.02 -14.20
CA ILE A 48 25.80 -9.32 -13.06
C ILE A 48 27.31 -9.32 -13.14
N LYS A 49 27.91 -10.44 -13.55
CA LYS A 49 29.39 -10.59 -13.56
C LYS A 49 30.13 -9.70 -14.54
N ARG A 50 29.42 -9.20 -15.56
CA ARG A 50 29.96 -8.17 -16.43
C ARG A 50 30.06 -6.79 -15.76
N CYS A 51 29.37 -6.59 -14.63
CA CYS A 51 29.19 -5.25 -14.06
C CYS A 51 29.95 -5.07 -12.75
N ASP A 52 30.47 -3.85 -12.56
CA ASP A 52 31.18 -3.47 -11.30
C ASP A 52 30.13 -2.93 -10.33
N ILE A 53 29.14 -2.17 -10.81
CA ILE A 53 27.98 -1.83 -10.02
C ILE A 53 26.74 -2.17 -10.82
N ILE A 54 25.77 -2.85 -10.20
CA ILE A 54 24.52 -3.07 -10.87
C ILE A 54 23.32 -2.86 -9.97
N LEU A 55 22.39 -2.05 -10.46
CA LEU A 55 21.13 -1.83 -9.84
C LEU A 55 20.18 -2.89 -10.32
N VAL A 56 19.58 -3.63 -9.41
CA VAL A 56 18.59 -4.62 -9.69
C VAL A 56 17.27 -4.13 -9.11
N MET A 57 16.22 -4.12 -9.95
CA MET A 57 14.88 -3.70 -9.56
C MET A 57 13.90 -4.85 -9.66
N GLU A 58 12.78 -4.67 -8.96
CA GLU A 58 11.67 -5.62 -8.88
C GLU A 58 12.04 -6.82 -7.99
N ILE A 59 12.89 -6.58 -6.99
CA ILE A 59 13.11 -7.60 -5.97
C ILE A 59 11.89 -7.64 -5.06
N LYS A 60 11.26 -8.82 -4.98
CA LYS A 60 10.02 -9.05 -4.26
C LYS A 60 10.16 -10.25 -3.32
N ASP A 61 10.44 -9.98 -2.03
CA ASP A 61 10.57 -11.06 -1.00
C ASP A 61 10.59 -10.47 0.42
N SER A 62 9.97 -11.13 1.40
CA SER A 62 10.00 -10.69 2.81
C SER A 62 10.96 -11.55 3.69
N ASN A 63 11.98 -12.11 3.03
CA ASN A 63 13.03 -12.88 3.75
C ASN A 63 14.37 -12.49 3.12
N ASN A 64 14.94 -13.33 2.24
CA ASN A 64 16.28 -13.05 1.68
C ASN A 64 16.54 -13.72 0.32
N ARG A 65 16.64 -12.94 -0.77
CA ARG A 65 16.96 -13.46 -2.13
C ARG A 65 18.31 -12.89 -2.51
N ILE A 66 18.69 -11.80 -1.89
CA ILE A 66 19.93 -11.13 -2.12
C ILE A 66 21.16 -11.90 -1.53
N CYS A 67 20.95 -12.78 -0.54
CA CYS A 67 22.08 -13.61 -0.04
C CYS A 67 22.28 -14.83 -0.98
N PRO A 68 21.27 -15.66 -1.37
CA PRO A 68 21.48 -16.66 -2.43
C PRO A 68 22.22 -16.16 -3.64
N ILE A 69 21.93 -14.93 -4.05
CA ILE A 69 22.58 -14.39 -5.27
C ILE A 69 24.06 -14.20 -4.97
N LEU A 70 24.40 -13.74 -3.76
CA LEU A 70 25.81 -13.43 -3.47
C LEU A 70 26.56 -14.75 -3.37
N MET A 71 25.96 -15.76 -2.76
CA MET A 71 26.59 -17.07 -2.68
C MET A 71 26.92 -17.55 -4.10
N GLU A 72 25.92 -17.50 -4.98
CA GLU A 72 26.09 -17.91 -6.38
C GLU A 72 27.20 -17.14 -7.06
N LYS A 73 27.28 -15.83 -6.81
CA LYS A 73 28.27 -14.99 -7.53
C LYS A 73 29.67 -15.13 -6.91
N LEU A 74 29.78 -15.65 -5.70
CA LEU A 74 31.10 -15.67 -5.03
C LEU A 74 31.67 -17.09 -4.94
N ASN A 75 31.02 -18.05 -5.63
CA ASN A 75 31.47 -19.46 -5.61
C ASN A 75 32.89 -19.55 -6.21
N ARG A 76 33.10 -19.12 -7.45
CA ARG A 76 34.45 -19.04 -8.02
C ARG A 76 35.00 -17.87 -7.22
N ASN A 77 35.88 -18.14 -6.26
CA ASN A 77 36.34 -17.14 -5.26
C ASN A 77 37.46 -16.50 -6.08
N SER A 78 37.30 -16.50 -7.41
CA SER A 78 38.30 -16.04 -8.42
C SER A 78 38.96 -14.67 -8.35
N ARG A 79 40.22 -14.59 -8.81
CA ARG A 79 41.02 -13.34 -8.76
C ARG A 79 41.29 -13.12 -7.28
N ARG A 80 41.32 -14.21 -6.49
CA ARG A 80 41.59 -14.16 -5.03
C ARG A 80 40.89 -12.87 -4.62
N GLY A 81 39.58 -12.80 -4.81
CA GLY A 81 38.89 -11.55 -4.50
C GLY A 81 37.98 -10.81 -5.45
N ILE A 82 37.43 -11.45 -6.51
CA ILE A 82 36.37 -10.71 -7.27
C ILE A 82 35.11 -10.92 -6.47
N THR A 83 35.10 -10.38 -5.27
CA THR A 83 33.95 -10.47 -4.40
C THR A 83 32.93 -9.35 -4.66
N TYR A 84 31.67 -9.73 -4.49
CA TYR A 84 30.51 -8.89 -4.64
C TYR A 84 29.88 -8.75 -3.27
N ASN A 85 29.39 -7.54 -2.99
CA ASN A 85 28.56 -7.24 -1.84
C ASN A 85 27.34 -6.47 -2.36
N TYR A 86 26.48 -6.13 -1.41
CA TYR A 86 25.23 -5.47 -1.80
C TYR A 86 24.69 -4.53 -0.75
N VAL A 87 23.96 -3.52 -1.20
CA VAL A 87 23.13 -2.74 -0.34
C VAL A 87 21.76 -2.80 -0.93
N ILE A 88 20.76 -2.92 -0.07
CA ILE A 88 19.38 -3.03 -0.49
C ILE A 88 18.52 -2.02 0.27
N SER A 89 17.53 -1.46 -0.42
CA SER A 89 16.57 -0.54 0.15
C SER A 89 15.68 -1.28 1.09
N SER A 90 14.86 -0.56 1.86
CA SER A 90 13.68 -1.10 2.53
C SER A 90 12.64 -1.49 1.51
N ARG A 91 11.58 -2.12 2.04
CA ARG A 91 10.44 -2.54 1.20
C ARG A 91 9.57 -1.31 0.97
N LEU A 92 9.37 -0.94 -0.28
CA LEU A 92 8.69 0.26 -0.71
C LEU A 92 7.52 0.07 -1.66
N GLY A 93 6.38 0.63 -1.23
CA GLY A 93 5.18 0.65 -2.02
C GLY A 93 4.08 1.25 -1.17
N ARG A 94 2.83 1.21 -1.64
CA ARG A 94 1.69 1.80 -0.87
C ARG A 94 1.37 0.86 0.30
N ASN A 95 1.23 -0.48 0.06
CA ASN A 95 0.78 -1.41 1.16
C ASN A 95 1.25 -2.89 1.12
N THR A 96 0.60 -3.81 0.37
CA THR A 96 0.87 -5.27 0.37
C THR A 96 1.89 -5.40 -0.76
N TYR A 97 1.82 -4.55 -1.80
CA TYR A 97 2.70 -4.72 -2.93
C TYR A 97 3.95 -3.87 -2.73
N LYS A 98 5.04 -4.50 -2.28
CA LYS A 98 6.32 -3.88 -2.01
C LYS A 98 7.39 -4.40 -2.95
N GLU A 99 8.38 -3.54 -3.23
CA GLU A 99 9.57 -3.91 -3.95
C GLU A 99 10.79 -3.35 -3.22
N GLN A 100 11.97 -3.85 -3.60
CA GLN A 100 13.23 -3.33 -3.16
C GLN A 100 14.11 -3.00 -4.34
N TYR A 101 14.94 -1.97 -4.18
CA TYR A 101 16.06 -1.65 -5.05
C TYR A 101 17.27 -2.27 -4.36
N ALA A 102 18.12 -2.96 -5.10
CA ALA A 102 19.42 -3.44 -4.64
C ALA A 102 20.52 -2.98 -5.56
N PHE A 103 21.67 -2.62 -4.98
CA PHE A 103 22.88 -2.36 -5.68
C PHE A 103 23.84 -3.48 -5.31
N LEU A 104 24.33 -4.19 -6.31
CA LEU A 104 25.36 -5.20 -6.15
C LEU A 104 26.60 -4.59 -6.70
N TYR A 105 27.73 -4.79 -6.00
CA TYR A 105 28.97 -4.13 -6.41
C TYR A 105 30.19 -4.94 -6.06
N LYS A 106 31.26 -4.74 -6.83
CA LYS A 106 32.53 -5.39 -6.55
C LYS A 106 33.22 -4.65 -5.41
N GLU A 107 33.30 -5.33 -4.26
CA GLU A 107 33.86 -4.80 -3.02
C GLU A 107 35.22 -4.09 -3.14
N LYS A 108 36.13 -4.68 -3.92
CA LYS A 108 37.48 -4.16 -4.05
C LYS A 108 37.60 -2.91 -4.92
N LEU A 109 36.55 -2.57 -5.66
CA LEU A 109 36.57 -1.45 -6.60
C LEU A 109 35.81 -0.24 -6.13
N VAL A 110 34.71 -0.47 -5.41
CA VAL A 110 33.91 0.57 -4.80
C VAL A 110 33.40 0.22 -3.44
N SER A 111 33.04 1.29 -2.70
CA SER A 111 32.36 1.19 -1.42
C SER A 111 31.23 2.20 -1.31
N VAL A 112 30.31 1.92 -0.37
CA VAL A 112 29.17 2.76 -0.07
C VAL A 112 29.54 3.73 1.05
N LYS A 113 29.50 5.02 0.75
CA LYS A 113 29.77 6.04 1.80
C LYS A 113 28.48 6.25 2.58
N ARG A 114 27.37 6.54 1.91
CA ARG A 114 26.07 6.75 2.57
C ARG A 114 24.91 6.31 1.68
N SER A 115 23.75 6.10 2.27
CA SER A 115 22.55 5.80 1.54
C SER A 115 21.37 6.38 2.28
N TYR A 116 20.34 6.83 1.56
CA TYR A 116 19.11 7.20 2.22
C TYR A 116 17.94 7.11 1.29
N HIS A 117 16.74 7.05 1.86
CA HIS A 117 15.49 7.07 1.13
C HIS A 117 15.00 8.50 1.03
N TYR A 118 14.73 8.94 -0.20
CA TYR A 118 14.24 10.27 -0.43
C TYR A 118 12.91 10.42 0.27
N HIS A 119 12.70 11.55 0.94
CA HIS A 119 11.44 11.91 1.52
C HIS A 119 11.10 13.42 1.35
N ASP A 120 9.89 13.72 0.89
CA ASP A 120 9.52 15.10 0.58
C ASP A 120 8.93 15.65 1.83
N TYR A 121 9.65 16.55 2.48
CA TYR A 121 9.21 17.16 3.72
C TYR A 121 8.03 18.15 3.57
N GLN A 122 7.78 18.53 2.33
CA GLN A 122 6.69 19.50 2.03
C GLN A 122 5.37 18.83 1.67
N ASP A 123 4.28 19.38 2.19
CA ASP A 123 2.87 18.96 1.96
C ASP A 123 2.70 17.42 1.88
N GLY A 124 2.14 16.97 0.76
CA GLY A 124 1.97 15.52 0.54
C GLY A 124 3.28 14.80 0.72
N ASP A 125 3.36 13.98 1.75
CA ASP A 125 4.62 13.27 2.07
C ASP A 125 4.92 11.93 1.35
N ALA A 126 3.87 11.18 0.98
CA ALA A 126 4.00 9.94 0.20
C ALA A 126 3.32 10.07 -1.19
N ASP A 127 3.33 11.29 -1.74
CA ASP A 127 2.51 11.63 -2.90
C ASP A 127 3.06 11.07 -4.23
N VAL A 128 4.26 11.47 -4.68
CA VAL A 128 4.68 11.31 -6.09
C VAL A 128 5.24 9.92 -6.46
N PHE A 129 6.22 9.45 -5.71
CA PHE A 129 6.81 8.16 -5.96
C PHE A 129 6.13 7.05 -5.17
N SER A 130 5.67 5.92 -5.71
N SER A 130 5.73 5.90 -5.71
CA SER A 130 5.11 4.88 -4.79
CA SER A 130 5.16 4.82 -4.83
C SER A 130 6.32 4.23 -4.14
C SER A 130 6.34 4.13 -4.20
N ARG A 131 7.39 4.15 -4.90
CA ARG A 131 8.74 3.61 -4.61
C ARG A 131 9.77 4.74 -4.59
N GLU A 132 10.01 5.34 -3.43
CA GLU A 132 10.91 6.49 -3.28
C GLU A 132 12.33 6.04 -3.62
N PRO A 133 13.09 6.83 -4.39
CA PRO A 133 14.48 6.48 -4.67
C PRO A 133 15.29 6.20 -3.43
N PHE A 134 16.10 5.14 -3.53
CA PHE A 134 17.04 4.74 -2.53
C PHE A 134 18.37 5.19 -3.10
N VAL A 135 18.88 6.32 -2.59
CA VAL A 135 19.97 7.06 -3.10
C VAL A 135 21.21 6.57 -2.42
N VAL A 136 22.26 6.32 -3.19
CA VAL A 136 23.47 5.73 -2.68
C VAL A 136 24.65 6.50 -3.20
N TRP A 137 25.59 6.79 -2.30
CA TRP A 137 26.77 7.58 -2.57
C TRP A 137 27.90 6.59 -2.58
N PHE A 138 28.54 6.46 -3.75
CA PHE A 138 29.64 5.49 -3.92
C PHE A 138 30.96 6.20 -3.95
N GLN A 139 31.94 5.55 -3.34
CA GLN A 139 33.35 6.01 -3.37
C GLN A 139 34.02 5.11 -4.38
N SER A 140 34.82 5.67 -5.25
CA SER A 140 35.42 4.95 -6.36
C SER A 140 36.88 5.37 -6.51
N PRO A 141 37.80 4.85 -5.66
CA PRO A 141 39.17 5.34 -5.68
C PRO A 141 39.95 5.15 -7.02
N HIS A 142 39.53 4.20 -7.86
CA HIS A 142 40.25 3.89 -9.12
C HIS A 142 39.79 4.64 -10.37
N THR A 143 38.61 5.24 -10.34
CA THR A 143 38.15 6.07 -11.45
C THR A 143 38.63 7.51 -11.34
N ALA A 144 38.52 8.25 -12.46
CA ALA A 144 38.82 9.67 -12.54
C ALA A 144 37.89 10.46 -11.64
N VAL A 145 36.63 10.00 -11.59
CA VAL A 145 35.60 10.57 -10.68
C VAL A 145 35.68 9.73 -9.40
N LYS A 146 36.03 10.33 -8.27
CA LYS A 146 36.32 9.59 -7.05
C LYS A 146 35.10 9.19 -6.30
N ASP A 147 33.99 9.89 -6.56
CA ASP A 147 32.71 9.51 -6.01
C ASP A 147 31.54 10.02 -6.84
N PHE A 148 30.41 9.31 -6.70
CA PHE A 148 29.21 9.67 -7.39
C PHE A 148 27.99 9.12 -6.63
N VAL A 149 26.83 9.68 -6.95
CA VAL A 149 25.60 9.32 -6.38
C VAL A 149 24.79 8.67 -7.47
N ILE A 150 24.10 7.57 -7.13
CA ILE A 150 23.15 6.94 -8.01
C ILE A 150 21.78 7.11 -7.38
N ILE A 151 20.88 7.67 -8.18
CA ILE A 151 19.49 7.85 -7.82
C ILE A 151 18.72 6.87 -8.70
N PRO A 152 18.19 5.76 -8.14
CA PRO A 152 17.40 4.81 -8.92
C PRO A 152 15.93 5.14 -8.89
N LEU A 153 15.22 4.77 -9.96
CA LEU A 153 13.80 4.95 -10.01
C LEU A 153 13.15 3.83 -10.79
N HIS A 154 12.06 3.32 -10.23
CA HIS A 154 11.19 2.44 -10.95
C HIS A 154 9.82 3.01 -10.83
N THR A 155 9.33 3.57 -11.93
CA THR A 155 8.09 4.33 -11.97
C THR A 155 6.96 3.36 -12.15
N THR A 156 5.81 3.92 -11.80
CA THR A 156 4.53 3.25 -12.08
C THR A 156 4.23 3.73 -13.51
N PRO A 157 3.93 2.86 -14.51
CA PRO A 157 3.81 3.29 -15.90
C PRO A 157 2.92 4.52 -16.12
N GLU A 158 1.69 4.57 -15.62
CA GLU A 158 0.80 5.71 -15.98
C GLU A 158 1.20 7.05 -15.34
N THR A 159 2.13 7.07 -14.39
CA THR A 159 2.53 8.32 -13.76
C THR A 159 3.99 8.64 -14.04
N SER A 160 4.58 7.99 -15.04
CA SER A 160 5.95 8.25 -15.39
C SER A 160 6.29 9.69 -15.70
N VAL A 161 5.42 10.44 -16.38
CA VAL A 161 5.72 11.84 -16.69
C VAL A 161 6.01 12.65 -15.41
N LYS A 162 5.06 12.65 -14.47
CA LYS A 162 5.29 13.27 -13.20
C LYS A 162 6.49 12.72 -12.43
N GLU A 163 6.67 11.40 -12.40
CA GLU A 163 7.71 10.79 -11.56
C GLU A 163 9.06 11.14 -12.11
N ILE A 164 9.21 11.08 -13.44
CA ILE A 164 10.51 11.41 -14.03
C ILE A 164 10.86 12.88 -13.76
N ASP A 165 9.85 13.75 -13.89
CA ASP A 165 10.01 15.16 -13.67
C ASP A 165 10.50 15.46 -12.26
N GLU A 166 9.95 14.73 -11.27
CA GLU A 166 10.29 14.91 -9.86
C GLU A 166 11.70 14.50 -9.49
N LEU A 167 12.38 13.74 -10.36
CA LEU A 167 13.77 13.44 -10.14
C LEU A 167 14.66 14.66 -10.00
N VAL A 168 14.30 15.80 -10.61
CA VAL A 168 15.08 17.02 -10.31
C VAL A 168 14.98 17.49 -8.85
N GLU A 169 13.87 17.22 -8.19
CA GLU A 169 13.72 17.53 -6.75
C GLU A 169 14.58 16.61 -5.87
N VAL A 170 14.75 15.36 -6.30
CA VAL A 170 15.64 14.43 -5.53
C VAL A 170 17.08 14.95 -5.66
N TYR A 171 17.45 15.41 -6.86
CA TYR A 171 18.81 15.94 -7.12
C TYR A 171 19.09 17.12 -6.20
N THR A 172 18.12 18.01 -6.05
CA THR A 172 18.22 19.15 -5.15
C THR A 172 18.40 18.74 -3.70
N ASP A 173 17.59 17.79 -3.26
CA ASP A 173 17.64 17.35 -1.90
C ASP A 173 19.01 16.75 -1.61
N VAL A 174 19.50 15.93 -2.53
CA VAL A 174 20.81 15.22 -2.31
C VAL A 174 21.95 16.24 -2.27
N LYS A 175 21.87 17.29 -3.09
CA LYS A 175 22.92 18.34 -3.06
C LYS A 175 22.89 19.07 -1.71
N HIS A 176 21.71 19.39 -1.18
CA HIS A 176 21.58 20.01 0.16
C HIS A 176 22.21 19.06 1.23
N ARG A 177 21.95 17.76 1.14
CA ARG A 177 22.37 16.84 2.21
C ARG A 177 23.84 16.44 2.15
N TRP A 178 24.40 16.26 0.97
CA TRP A 178 25.75 15.71 0.78
C TRP A 178 26.61 16.67 -0.04
N LYS A 179 27.99 16.46 0.02
CA LYS A 179 28.86 17.34 -0.79
C LYS A 179 28.75 17.14 -2.32
N ALA A 180 27.86 16.23 -2.78
CA ALA A 180 28.04 15.55 -4.05
C ALA A 180 27.77 16.39 -5.29
N GLU A 181 28.61 16.19 -6.32
CA GLU A 181 28.57 16.93 -7.58
C GLU A 181 28.23 16.07 -8.81
N ASN A 182 28.44 14.76 -8.73
CA ASN A 182 28.28 13.86 -9.84
C ASN A 182 27.20 12.89 -9.56
N PHE A 183 26.24 12.82 -10.49
CA PHE A 183 25.03 12.05 -10.37
C PHE A 183 24.76 11.15 -11.55
N ILE A 184 24.18 9.99 -11.26
CA ILE A 184 23.69 9.03 -12.25
C ILE A 184 22.27 8.74 -11.84
N PHE A 185 21.30 8.99 -12.71
CA PHE A 185 19.90 8.62 -12.50
C PHE A 185 19.67 7.42 -13.43
N MET A 186 19.16 6.33 -12.89
CA MET A 186 18.96 5.16 -13.67
C MET A 186 17.81 4.35 -13.22
N GLY A 187 17.25 3.58 -14.15
CA GLY A 187 16.24 2.58 -13.82
C GLY A 187 15.19 2.46 -14.89
N ASP A 188 14.04 1.96 -14.50
CA ASP A 188 12.93 1.77 -15.36
C ASP A 188 11.98 2.96 -15.19
N PHE A 189 12.16 3.92 -16.10
CA PHE A 189 11.36 5.12 -16.18
C PHE A 189 10.10 4.93 -16.97
N ASN A 190 9.92 3.78 -17.61
CA ASN A 190 8.83 3.56 -18.55
C ASN A 190 8.73 4.71 -19.56
N ALA A 191 9.89 5.09 -20.11
CA ALA A 191 10.05 6.32 -20.82
C ALA A 191 9.87 6.12 -22.29
N GLY A 192 8.75 5.55 -22.68
CA GLY A 192 8.45 5.45 -24.08
C GLY A 192 7.05 5.07 -24.36
N CYS A 193 6.81 4.70 -25.63
CA CYS A 193 5.57 4.09 -26.09
C CYS A 193 4.40 4.97 -25.63
N SER A 194 3.35 4.39 -25.04
CA SER A 194 2.18 5.19 -24.67
C SER A 194 2.30 5.95 -23.31
N TYR A 195 3.28 5.57 -22.50
CA TYR A 195 3.44 6.17 -21.15
C TYR A 195 4.08 7.55 -21.23
N VAL A 196 5.16 7.69 -21.99
CA VAL A 196 5.77 8.97 -22.19
C VAL A 196 5.80 9.20 -23.69
N PRO A 197 4.73 9.75 -24.28
CA PRO A 197 4.73 10.06 -25.71
C PRO A 197 5.66 11.25 -26.02
N LYS A 198 5.94 11.44 -27.32
CA LYS A 198 6.88 12.47 -27.76
C LYS A 198 6.53 13.88 -27.26
N LYS A 199 5.24 14.21 -27.24
CA LYS A 199 4.74 15.51 -26.82
C LYS A 199 4.92 15.79 -25.31
N ALA A 200 5.17 14.76 -24.51
CA ALA A 200 5.21 14.89 -23.08
C ALA A 200 6.59 15.27 -22.57
N TRP A 201 7.61 15.12 -23.42
CA TRP A 201 8.97 15.47 -23.02
C TRP A 201 9.15 16.94 -22.59
N LYS A 202 8.35 17.83 -23.17
CA LYS A 202 8.26 19.23 -22.79
C LYS A 202 8.01 19.46 -21.30
N ASN A 203 7.30 18.55 -20.62
CA ASN A 203 6.95 18.75 -19.24
C ASN A 203 7.79 17.96 -18.31
N ILE A 204 8.95 17.52 -18.79
CA ILE A 204 9.87 16.78 -17.96
C ILE A 204 11.16 17.55 -17.86
N ARG A 205 11.40 18.14 -16.67
CA ARG A 205 12.54 19.03 -16.43
C ARG A 205 13.86 18.23 -16.55
N LEU A 206 13.79 16.93 -16.31
CA LEU A 206 14.98 16.09 -16.45
C LEU A 206 15.48 16.02 -17.93
N ARG A 207 14.61 16.36 -18.88
CA ARG A 207 15.00 16.40 -20.31
C ARG A 207 15.19 17.86 -20.77
N THR A 208 14.27 18.77 -20.45
CA THR A 208 14.39 20.12 -20.97
C THR A 208 15.56 20.96 -20.38
N ASP A 209 16.10 20.57 -19.23
CA ASP A 209 17.33 21.17 -18.70
C ASP A 209 18.50 20.40 -19.29
N PRO A 210 19.27 20.98 -20.24
CA PRO A 210 20.27 20.22 -21.00
C PRO A 210 21.53 19.84 -20.20
N ARG A 211 21.67 20.35 -18.98
CA ARG A 211 22.75 19.90 -18.12
C ARG A 211 22.58 18.44 -17.70
N PHE A 212 21.36 17.92 -17.87
CA PHE A 212 21.09 16.50 -17.70
C PHE A 212 21.38 15.83 -19.04
N VAL A 213 22.36 14.92 -19.06
CA VAL A 213 22.82 14.23 -20.25
C VAL A 213 22.27 12.79 -20.28
N TRP A 214 21.48 12.50 -21.34
CA TRP A 214 20.80 11.22 -21.55
C TRP A 214 21.71 10.24 -22.28
N LEU A 215 22.11 9.15 -21.64
CA LEU A 215 23.00 8.17 -22.27
C LEU A 215 22.27 7.10 -23.05
N ILE A 216 21.00 6.86 -22.75
CA ILE A 216 20.16 5.99 -23.55
C ILE A 216 19.11 6.87 -24.17
N GLY A 217 19.12 6.90 -25.51
CA GLY A 217 18.30 7.79 -26.31
C GLY A 217 16.97 7.21 -26.62
N ASP A 218 16.10 8.04 -27.21
CA ASP A 218 14.71 7.65 -27.42
C ASP A 218 14.56 6.55 -28.48
N GLN A 219 15.60 6.29 -29.28
CA GLN A 219 15.53 5.24 -30.33
C GLN A 219 15.99 3.83 -29.89
N GLU A 220 16.34 3.67 -28.62
CA GLU A 220 16.84 2.37 -28.16
C GLU A 220 15.69 1.40 -27.86
N ASP A 221 15.94 0.10 -27.97
CA ASP A 221 14.97 -0.89 -27.58
C ASP A 221 15.47 -1.52 -26.29
N THR A 222 14.75 -1.34 -25.18
CA THR A 222 15.07 -2.04 -23.93
C THR A 222 14.10 -3.18 -23.61
N THR A 223 13.19 -3.51 -24.56
CA THR A 223 12.26 -4.61 -24.40
C THR A 223 12.73 -5.91 -25.06
N VAL A 224 12.70 -7.00 -24.30
CA VAL A 224 13.10 -8.32 -24.74
C VAL A 224 12.19 -8.78 -25.88
N LYS A 225 10.88 -8.65 -25.72
CA LYS A 225 9.95 -8.98 -26.82
C LYS A 225 10.35 -8.29 -28.14
N LYS A 226 10.35 -9.09 -29.19
CA LYS A 226 10.66 -8.61 -30.54
C LYS A 226 9.59 -7.62 -31.07
N SER A 227 8.36 -7.73 -30.59
CA SER A 227 7.24 -6.99 -31.15
C SER A 227 7.23 -5.55 -30.64
N THR A 228 8.00 -5.27 -29.60
CA THR A 228 8.05 -3.93 -29.11
C THR A 228 9.45 -3.38 -29.15
N ASN A 229 9.50 -2.06 -29.39
CA ASN A 229 10.72 -1.27 -29.50
C ASN A 229 10.51 0.03 -28.70
N CYS A 230 10.76 -0.05 -27.39
CA CYS A 230 10.65 1.14 -26.52
C CYS A 230 11.86 1.25 -25.59
N ALA A 231 12.37 2.46 -25.36
CA ALA A 231 13.44 2.77 -24.45
C ALA A 231 12.80 3.05 -23.06
N TYR A 232 12.30 2.00 -22.43
CA TYR A 232 11.80 2.08 -21.08
C TYR A 232 12.85 2.40 -20.04
N ASP A 233 14.03 1.79 -20.18
CA ASP A 233 15.10 1.89 -19.20
C ASP A 233 16.12 2.91 -19.66
N ARG A 234 16.63 3.69 -18.71
CA ARG A 234 17.39 4.89 -19.01
C ARG A 234 18.51 5.18 -18.04
N ILE A 235 19.45 5.99 -18.49
CA ILE A 235 20.53 6.43 -17.72
C ILE A 235 20.72 7.90 -18.06
N VAL A 236 20.79 8.73 -17.02
CA VAL A 236 20.95 10.16 -17.16
C VAL A 236 22.07 10.60 -16.17
N LEU A 237 22.98 11.44 -16.65
CA LEU A 237 24.04 11.94 -15.83
C LEU A 237 23.85 13.44 -15.57
N ARG A 238 24.47 13.90 -14.50
CA ARG A 238 24.68 15.32 -14.24
C ARG A 238 25.98 15.48 -13.53
N GLY A 239 26.73 16.50 -13.93
CA GLY A 239 28.06 16.80 -13.39
C GLY A 239 29.05 16.73 -14.54
N GLN A 240 29.74 17.84 -14.80
CA GLN A 240 30.66 17.92 -15.93
C GLN A 240 31.80 16.89 -15.83
N GLU A 241 32.28 16.62 -14.61
CA GLU A 241 33.31 15.60 -14.38
C GLU A 241 32.91 14.17 -14.82
N ILE A 242 31.72 13.73 -14.40
CA ILE A 242 31.31 12.39 -14.70
C ILE A 242 30.89 12.24 -16.17
N VAL A 243 30.21 13.26 -16.70
CA VAL A 243 29.82 13.30 -18.11
C VAL A 243 31.01 13.10 -19.04
N SER A 244 32.10 13.81 -18.78
CA SER A 244 33.28 13.77 -19.65
C SER A 244 34.19 12.55 -19.37
N SER A 245 33.84 11.76 -18.36
CA SER A 245 34.51 10.50 -18.02
C SER A 245 33.80 9.23 -18.57
N VAL A 246 32.65 9.40 -19.24
CA VAL A 246 31.96 8.30 -19.90
C VAL A 246 32.83 7.78 -21.07
N VAL A 247 33.08 6.47 -21.10
CA VAL A 247 33.82 5.90 -22.19
C VAL A 247 32.99 5.97 -23.46
N PRO A 248 33.48 6.63 -24.53
CA PRO A 248 32.76 6.69 -25.80
C PRO A 248 32.28 5.33 -26.34
N LYS A 249 31.01 5.28 -26.74
CA LYS A 249 30.29 4.12 -27.25
C LYS A 249 29.92 3.05 -26.22
N SER A 250 30.24 3.28 -24.95
CA SER A 250 30.01 2.27 -23.91
C SER A 250 28.56 2.22 -23.51
N ASN A 251 27.84 3.33 -23.77
CA ASN A 251 26.49 3.49 -23.29
C ASN A 251 25.55 2.74 -24.19
N SER A 252 24.96 1.66 -23.70
CA SER A 252 24.19 0.77 -24.53
C SER A 252 23.28 -0.16 -23.75
N VAL A 253 22.42 -0.84 -24.50
CA VAL A 253 21.56 -1.92 -24.08
C VAL A 253 22.35 -3.20 -24.29
N PHE A 254 22.42 -4.04 -23.25
CA PHE A 254 23.08 -5.31 -23.39
C PHE A 254 22.03 -6.34 -23.74
N ASP A 255 22.07 -6.80 -24.99
CA ASP A 255 21.13 -7.84 -25.48
C ASP A 255 21.59 -9.22 -25.02
N PHE A 256 21.17 -9.63 -23.84
CA PHE A 256 21.61 -10.91 -23.29
C PHE A 256 21.08 -12.12 -24.07
N GLN A 257 19.99 -11.91 -24.82
CA GLN A 257 19.41 -12.94 -25.66
C GLN A 257 20.33 -13.32 -26.82
N LYS A 258 20.89 -12.32 -27.50
CA LYS A 258 21.83 -12.57 -28.61
C LYS A 258 23.16 -13.05 -28.05
N ALA A 259 23.59 -12.47 -26.93
CA ALA A 259 24.89 -12.79 -26.34
C ALA A 259 25.00 -14.22 -25.86
N TYR A 260 23.92 -14.78 -25.30
CA TYR A 260 23.93 -16.15 -24.79
C TYR A 260 23.07 -17.07 -25.67
N LYS A 261 22.76 -16.63 -26.88
CA LYS A 261 22.04 -17.50 -27.86
C LYS A 261 20.80 -18.14 -27.25
N LEU A 262 19.92 -17.33 -26.68
CA LEU A 262 18.67 -17.80 -26.10
C LEU A 262 17.49 -17.55 -27.05
N THR A 263 16.47 -18.39 -26.90
CA THR A 263 15.20 -18.18 -27.64
C THR A 263 14.37 -17.16 -26.87
N GLU A 264 13.30 -16.67 -27.50
CA GLU A 264 12.46 -15.65 -26.89
C GLU A 264 11.88 -16.09 -25.54
N GLU A 265 11.44 -17.35 -25.48
CA GLU A 265 10.86 -17.93 -24.26
C GLU A 265 11.90 -17.99 -23.14
N GLU A 266 13.11 -18.44 -23.45
CA GLU A 266 14.17 -18.52 -22.43
C GLU A 266 14.53 -17.10 -21.98
N ALA A 267 14.53 -16.14 -22.92
CA ALA A 267 14.91 -14.78 -22.56
C ALA A 267 13.83 -14.11 -21.70
N LEU A 268 12.55 -14.40 -21.99
CA LEU A 268 11.46 -13.87 -21.21
C LEU A 268 11.39 -14.41 -19.78
N ASP A 269 11.85 -15.66 -19.56
CA ASP A 269 12.06 -16.23 -18.21
C ASP A 269 13.07 -15.46 -17.35
N VAL A 270 14.07 -14.86 -18.01
CA VAL A 270 15.04 -14.03 -17.33
C VAL A 270 14.45 -12.69 -16.97
N SER A 271 13.90 -12.01 -17.98
CA SER A 271 13.23 -10.73 -17.79
C SER A 271 12.50 -10.29 -19.03
N ASP A 272 11.65 -9.29 -18.86
CA ASP A 272 10.99 -8.61 -19.97
C ASP A 272 11.81 -7.39 -20.45
N HIS A 273 12.85 -7.04 -19.70
CA HIS A 273 13.65 -5.88 -19.97
C HIS A 273 15.09 -6.30 -20.14
N PHE A 274 15.79 -5.70 -21.11
CA PHE A 274 17.22 -5.80 -21.23
C PHE A 274 17.88 -4.81 -20.27
N PRO A 275 19.07 -5.15 -19.75
CA PRO A 275 19.86 -4.19 -18.98
C PRO A 275 20.48 -3.11 -19.84
N VAL A 276 20.66 -1.92 -19.24
CA VAL A 276 21.36 -0.79 -19.83
C VAL A 276 22.63 -0.57 -19.04
N GLU A 277 23.64 0.01 -19.68
CA GLU A 277 24.95 0.12 -19.06
C GLU A 277 25.79 1.20 -19.67
N PHE A 278 26.85 1.60 -18.97
CA PHE A 278 27.85 2.44 -19.55
C PHE A 278 29.11 2.18 -18.79
N LYS A 279 30.21 2.75 -19.28
CA LYS A 279 31.50 2.65 -18.65
C LYS A 279 32.06 4.01 -18.32
N LEU A 280 32.76 4.06 -17.18
CA LEU A 280 33.44 5.22 -16.66
C LEU A 280 34.91 5.01 -16.73
N GLN A 281 35.65 6.02 -17.17
CA GLN A 281 37.15 6.01 -17.16
C GLN A 281 37.66 6.19 -15.70
N PRO B 19 -34.73 0.00 -31.04
CA PRO B 19 -33.49 -0.80 -30.91
C PRO B 19 -32.49 -0.11 -29.99
N MET B 20 -31.95 -0.89 -29.05
CA MET B 20 -31.05 -0.33 -28.01
C MET B 20 -29.58 -0.33 -28.45
N ARG B 21 -28.88 0.77 -28.20
CA ARG B 21 -27.48 0.90 -28.52
C ARG B 21 -26.59 0.80 -27.31
N ILE B 22 -25.58 -0.05 -27.39
CA ILE B 22 -24.60 -0.30 -26.31
C ILE B 22 -23.22 0.15 -26.84
N CYS B 23 -22.52 1.00 -26.08
CA CYS B 23 -21.32 1.67 -26.46
C CYS B 23 -20.25 1.50 -25.40
N SER B 24 -18.99 1.54 -25.82
CA SER B 24 -17.87 1.57 -24.93
C SER B 24 -17.01 2.71 -25.43
N PHE B 25 -16.52 3.51 -24.49
CA PHE B 25 -15.83 4.76 -24.81
C PHE B 25 -14.69 5.00 -23.83
N ASN B 26 -13.46 4.88 -24.30
CA ASN B 26 -12.31 5.28 -23.51
C ASN B 26 -12.09 6.77 -23.68
N VAL B 27 -12.39 7.52 -22.62
CA VAL B 27 -12.19 8.96 -22.55
C VAL B 27 -10.91 9.24 -21.83
N ARG B 28 -9.92 9.70 -22.58
CA ARG B 28 -8.58 9.88 -22.03
C ARG B 28 -8.59 10.78 -20.81
N SER B 29 -8.17 10.23 -19.65
CA SER B 29 -7.96 10.98 -18.40
C SER B 29 -9.16 11.84 -18.05
N PHE B 30 -10.30 11.17 -17.83
CA PHE B 30 -11.56 11.86 -17.47
C PHE B 30 -11.49 12.27 -16.01
N GLY B 31 -10.77 13.36 -15.73
CA GLY B 31 -10.64 13.90 -14.38
C GLY B 31 -11.33 15.25 -14.28
N GLU B 32 -11.13 15.96 -13.16
CA GLU B 32 -11.79 17.28 -12.94
C GLU B 32 -11.41 18.26 -14.05
N SER B 33 -10.13 18.26 -14.42
CA SER B 33 -9.66 19.15 -15.49
C SER B 33 -10.45 19.03 -16.81
N LYS B 34 -10.87 17.82 -17.17
CA LYS B 34 -11.61 17.63 -18.42
C LYS B 34 -12.99 18.28 -18.37
N GLN B 35 -13.57 18.38 -17.18
CA GLN B 35 -14.90 19.02 -17.01
C GLN B 35 -14.82 20.48 -17.46
N GLU B 36 -13.62 21.07 -17.41
CA GLU B 36 -13.45 22.51 -17.72
C GLU B 36 -13.49 22.81 -19.23
N ASP B 37 -13.18 21.83 -20.08
CA ASP B 37 -13.14 22.06 -21.52
C ASP B 37 -14.57 21.92 -22.00
N LYS B 38 -15.29 23.05 -22.08
CA LYS B 38 -16.69 23.10 -22.51
C LYS B 38 -16.90 22.34 -23.81
N ASN B 39 -16.01 22.59 -24.78
CA ASN B 39 -16.09 21.98 -26.10
C ASN B 39 -16.01 20.46 -26.06
N ALA B 40 -14.99 19.94 -25.36
CA ALA B 40 -14.82 18.51 -25.21
C ALA B 40 -15.97 17.91 -24.42
N MET B 41 -16.46 18.64 -23.41
CA MET B 41 -17.51 18.14 -22.55
C MET B 41 -18.84 18.05 -23.31
N ASP B 42 -19.10 19.02 -24.19
CA ASP B 42 -20.30 18.95 -25.00
C ASP B 42 -20.30 17.77 -25.98
N VAL B 43 -19.13 17.48 -26.58
CA VAL B 43 -19.00 16.33 -27.45
C VAL B 43 -19.25 15.04 -26.66
N ILE B 44 -18.68 14.94 -25.46
CA ILE B 44 -18.84 13.75 -24.63
C ILE B 44 -20.31 13.51 -24.25
N VAL B 45 -21.03 14.58 -23.93
CA VAL B 45 -22.46 14.43 -23.56
C VAL B 45 -23.25 13.99 -24.80
N LYS B 46 -22.96 14.56 -25.96
CA LYS B 46 -23.64 14.14 -27.19
C LYS B 46 -23.35 12.65 -27.48
N VAL B 47 -22.11 12.19 -27.30
CA VAL B 47 -21.80 10.79 -27.51
C VAL B 47 -22.62 9.88 -26.59
N ILE B 48 -22.68 10.23 -25.32
CA ILE B 48 -23.43 9.42 -24.32
C ILE B 48 -24.90 9.39 -24.72
N LYS B 49 -25.43 10.51 -25.24
CA LYS B 49 -26.87 10.59 -25.52
C LYS B 49 -27.35 9.70 -26.64
N ARG B 50 -26.45 9.27 -27.52
CA ARG B 50 -26.76 8.29 -28.53
C ARG B 50 -26.95 6.89 -27.94
N CYS B 51 -26.47 6.66 -26.71
CA CYS B 51 -26.40 5.31 -26.16
C CYS B 51 -27.37 5.05 -25.03
N ASP B 52 -27.89 3.84 -25.00
CA ASP B 52 -28.79 3.34 -23.98
C ASP B 52 -28.04 2.72 -22.80
N ILE B 53 -26.88 2.12 -23.07
CA ILE B 53 -25.88 1.78 -22.07
C ILE B 53 -24.52 2.20 -22.63
N ILE B 54 -23.71 2.89 -21.81
CA ILE B 54 -22.37 3.21 -22.21
C ILE B 54 -21.39 3.02 -21.09
N LEU B 55 -20.34 2.26 -21.39
CA LEU B 55 -19.21 2.06 -20.54
C LEU B 55 -18.24 3.18 -20.81
N VAL B 56 -17.87 3.89 -19.75
CA VAL B 56 -16.87 4.94 -19.82
C VAL B 56 -15.66 4.45 -19.00
N MET B 57 -14.47 4.52 -19.60
CA MET B 57 -13.23 4.14 -18.94
C MET B 57 -12.29 5.31 -18.80
N GLU B 58 -11.32 5.13 -17.90
CA GLU B 58 -10.29 6.10 -17.57
C GLU B 58 -10.89 7.30 -16.76
N ILE B 59 -11.93 7.04 -15.97
CA ILE B 59 -12.39 8.00 -14.96
C ILE B 59 -11.39 8.00 -13.82
N LYS B 60 -10.82 9.18 -13.55
CA LYS B 60 -9.75 9.38 -12.57
C LYS B 60 -10.12 10.52 -11.63
N ASP B 61 -10.60 10.20 -10.41
CA ASP B 61 -10.94 11.23 -9.38
C ASP B 61 -11.23 10.58 -8.01
N SER B 62 -10.94 11.31 -6.94
CA SER B 62 -11.15 10.79 -5.56
C SER B 62 -12.40 11.42 -4.94
N ASN B 63 -13.21 12.12 -5.75
CA ASN B 63 -14.47 12.76 -5.28
C ASN B 63 -15.63 12.31 -6.16
N ASN B 64 -16.13 13.19 -7.03
CA ASN B 64 -17.27 12.85 -7.92
C ASN B 64 -17.30 13.69 -9.21
N ARG B 65 -17.32 13.03 -10.36
CA ARG B 65 -17.51 13.75 -11.65
C ARG B 65 -18.61 12.97 -12.37
N ILE B 66 -19.01 11.87 -11.76
CA ILE B 66 -20.11 11.06 -12.34
C ILE B 66 -21.46 11.69 -11.95
N CYS B 67 -21.47 12.58 -10.96
CA CYS B 67 -22.73 13.35 -10.66
C CYS B 67 -22.79 14.61 -11.58
N PRO B 68 -21.75 15.50 -11.72
CA PRO B 68 -21.79 16.54 -12.75
C PRO B 68 -22.22 16.08 -14.12
N ILE B 69 -21.77 14.88 -14.54
CA ILE B 69 -22.13 14.37 -15.85
C ILE B 69 -23.64 14.14 -15.89
N LEU B 70 -24.22 13.56 -14.84
CA LEU B 70 -25.66 13.20 -14.89
C LEU B 70 -26.47 14.49 -14.88
N MET B 71 -26.02 15.48 -14.10
CA MET B 71 -26.74 16.75 -14.10
C MET B 71 -26.79 17.29 -15.53
N GLU B 72 -25.62 17.35 -16.17
CA GLU B 72 -25.50 17.82 -17.55
C GLU B 72 -26.42 17.01 -18.49
N LYS B 73 -26.46 15.70 -18.30
CA LYS B 73 -27.23 14.83 -19.23
C LYS B 73 -28.74 14.87 -18.93
N LEU B 74 -29.12 15.37 -17.76
CA LEU B 74 -30.54 15.31 -17.34
C LEU B 74 -31.13 16.72 -17.21
N ASN B 75 -30.50 17.71 -17.82
CA ASN B 75 -30.96 19.13 -17.68
C ASN B 75 -32.23 19.56 -18.39
N ARG B 76 -32.21 19.51 -19.72
CA ARG B 76 -33.42 19.85 -20.49
C ARG B 76 -33.99 18.44 -20.66
N ASN B 77 -34.28 17.76 -19.54
CA ASN B 77 -34.85 16.39 -19.57
C ASN B 77 -35.83 16.34 -20.73
N SER B 78 -35.50 15.60 -21.78
CA SER B 78 -36.32 15.65 -23.01
C SER B 78 -37.68 14.99 -22.75
N ARG B 79 -37.70 13.78 -22.23
CA ARG B 79 -39.02 13.12 -22.11
C ARG B 79 -39.10 12.19 -20.91
N ARG B 80 -38.40 12.50 -19.81
CA ARG B 80 -38.39 11.69 -18.56
C ARG B 80 -37.85 10.28 -18.83
N GLY B 81 -38.27 9.66 -19.93
CA GLY B 81 -37.83 8.30 -20.27
C GLY B 81 -36.42 8.29 -20.80
N ILE B 82 -35.80 9.46 -20.90
CA ILE B 82 -34.38 9.61 -21.30
C ILE B 82 -33.46 9.99 -20.12
N THR B 83 -33.98 9.76 -18.91
CA THR B 83 -33.21 10.01 -17.68
C THR B 83 -32.03 9.03 -17.57
N TYR B 84 -30.91 9.51 -17.10
CA TYR B 84 -29.74 8.63 -17.05
C TYR B 84 -29.35 8.38 -15.61
N ASN B 85 -28.91 7.17 -15.33
CA ASN B 85 -28.33 6.84 -14.04
C ASN B 85 -27.00 6.14 -14.33
N TYR B 86 -26.25 5.83 -13.28
CA TYR B 86 -24.97 5.21 -13.43
C TYR B 86 -24.66 4.29 -12.29
N VAL B 87 -23.80 3.31 -12.55
CA VAL B 87 -23.14 2.54 -11.53
C VAL B 87 -21.68 2.62 -11.87
N ILE B 88 -20.84 2.76 -10.85
CA ILE B 88 -19.41 2.95 -10.99
C ILE B 88 -18.65 1.99 -10.09
N SER B 89 -17.51 1.50 -10.58
CA SER B 89 -16.66 0.57 -9.86
C SER B 89 -16.00 1.30 -8.72
N SER B 90 -15.31 0.56 -7.85
CA SER B 90 -14.30 1.10 -6.97
C SER B 90 -13.07 1.54 -7.79
N ARG B 91 -12.11 2.07 -7.06
CA ARG B 91 -10.89 2.60 -7.58
C ARG B 91 -9.86 1.47 -7.72
N LEU B 92 -9.52 1.17 -8.96
CA LEU B 92 -8.75 -0.02 -9.35
C LEU B 92 -7.40 0.37 -9.92
N GLY B 93 -6.37 -0.29 -9.39
CA GLY B 93 -5.08 -0.28 -10.01
C GLY B 93 -4.19 -1.12 -9.15
N ARG B 94 -3.18 -1.75 -9.77
CA ARG B 94 -2.13 -2.51 -9.12
C ARG B 94 -1.27 -1.67 -8.16
N ASN B 95 -1.22 -0.35 -8.36
CA ASN B 95 -0.32 0.55 -7.65
C ASN B 95 -1.04 1.82 -7.21
N THR B 96 -0.32 2.92 -7.02
CA THR B 96 -0.88 4.22 -6.63
C THR B 96 -2.02 4.70 -7.55
N TYR B 97 -1.84 4.47 -8.85
CA TYR B 97 -2.63 5.06 -9.91
C TYR B 97 -3.88 4.24 -10.09
N LYS B 98 -5.02 4.85 -9.75
CA LYS B 98 -6.34 4.21 -9.84
C LYS B 98 -7.21 4.79 -10.92
N GLU B 99 -8.08 3.94 -11.48
CA GLU B 99 -9.14 4.35 -12.41
C GLU B 99 -10.44 3.69 -12.01
N GLN B 100 -11.53 4.13 -12.60
CA GLN B 100 -12.86 3.56 -12.41
C GLN B 100 -13.50 3.26 -13.73
N TYR B 101 -14.30 2.17 -13.78
CA TYR B 101 -15.23 1.85 -14.84
C TYR B 101 -16.57 2.41 -14.39
N ALA B 102 -17.28 3.11 -15.27
CA ALA B 102 -18.65 3.54 -15.05
C ALA B 102 -19.54 3.11 -16.17
N PHE B 103 -20.76 2.69 -15.82
CA PHE B 103 -21.78 2.41 -16.76
C PHE B 103 -22.84 3.47 -16.57
N LEU B 104 -23.17 4.13 -17.67
CA LEU B 104 -24.22 5.15 -17.66
C LEU B 104 -25.33 4.52 -18.49
N TYR B 105 -26.56 4.57 -18.01
CA TYR B 105 -27.69 3.91 -18.68
C TYR B 105 -28.97 4.65 -18.57
N LYS B 106 -29.86 4.43 -19.53
CA LYS B 106 -31.19 4.98 -19.50
C LYS B 106 -32.08 4.20 -18.52
N GLU B 107 -32.39 4.83 -17.39
CA GLU B 107 -33.21 4.27 -16.31
C GLU B 107 -34.47 3.50 -16.76
N LYS B 108 -35.25 4.06 -17.67
CA LYS B 108 -36.52 3.50 -18.06
C LYS B 108 -36.41 2.32 -19.01
N LEU B 109 -35.20 2.05 -19.52
CA LEU B 109 -34.98 0.98 -20.49
C LEU B 109 -34.27 -0.21 -19.88
N VAL B 110 -33.35 0.04 -18.95
CA VAL B 110 -32.63 -0.99 -18.24
C VAL B 110 -32.38 -0.65 -16.81
N SER B 111 -32.09 -1.69 -16.01
CA SER B 111 -31.70 -1.59 -14.62
C SER B 111 -30.58 -2.59 -14.31
N VAL B 112 -29.87 -2.30 -13.21
CA VAL B 112 -28.78 -3.11 -12.70
C VAL B 112 -29.37 -4.09 -11.66
N LYS B 113 -29.27 -5.39 -11.93
CA LYS B 113 -29.65 -6.40 -10.97
C LYS B 113 -28.54 -6.59 -9.94
N ARG B 114 -27.31 -6.81 -10.43
CA ARG B 114 -26.16 -7.06 -9.54
C ARG B 114 -24.87 -6.55 -10.17
N SER B 115 -23.84 -6.31 -9.36
CA SER B 115 -22.52 -5.95 -9.83
C SER B 115 -21.49 -6.50 -8.90
N TYR B 116 -20.32 -6.87 -9.40
CA TYR B 116 -19.22 -7.24 -8.53
C TYR B 116 -17.90 -7.13 -9.26
N HIS B 117 -16.82 -7.10 -8.49
CA HIS B 117 -15.46 -7.05 -8.97
C HIS B 117 -14.92 -8.46 -9.03
N TYR B 118 -14.42 -8.85 -10.20
CA TYR B 118 -13.82 -10.15 -10.35
C TYR B 118 -12.63 -10.28 -9.41
N HIS B 119 -12.51 -11.41 -8.73
CA HIS B 119 -11.32 -11.79 -7.95
C HIS B 119 -10.98 -13.29 -8.10
N ASP B 120 -9.72 -13.64 -8.34
CA ASP B 120 -9.34 -15.03 -8.59
C ASP B 120 -9.07 -15.67 -7.28
N TYR B 121 -9.98 -16.55 -6.86
CA TYR B 121 -9.84 -17.17 -5.55
C TYR B 121 -8.75 -18.27 -5.46
N GLN B 122 -8.29 -18.75 -6.62
CA GLN B 122 -7.27 -19.81 -6.68
C GLN B 122 -5.87 -19.21 -6.59
N ASP B 123 -5.43 -18.40 -7.55
CA ASP B 123 -4.17 -17.69 -7.37
C ASP B 123 -4.44 -16.16 -7.38
N GLY B 124 -4.46 -15.56 -6.18
CA GLY B 124 -4.27 -14.12 -6.01
C GLY B 124 -2.81 -13.78 -6.27
N ASP B 125 -1.98 -14.82 -6.17
CA ASP B 125 -0.55 -14.67 -6.53
C ASP B 125 -0.52 -14.74 -8.05
N ALA B 126 0.45 -14.08 -8.69
CA ALA B 126 0.53 -14.01 -10.17
C ALA B 126 -0.70 -13.26 -10.69
N ASP B 127 -1.08 -12.17 -10.01
CA ASP B 127 -2.27 -11.38 -10.43
C ASP B 127 -2.21 -10.92 -11.89
N VAL B 128 -3.33 -11.08 -12.60
CA VAL B 128 -3.39 -10.82 -14.04
C VAL B 128 -3.92 -9.44 -14.46
N PHE B 129 -5.05 -9.02 -13.89
CA PHE B 129 -5.61 -7.72 -14.17
C PHE B 129 -5.10 -6.63 -13.22
N SER B 130 -4.70 -5.49 -13.76
CA SER B 130 -4.35 -4.34 -12.91
C SER B 130 -5.67 -3.71 -12.45
N ARG B 131 -6.62 -3.64 -13.38
CA ARG B 131 -7.97 -3.20 -13.19
C ARG B 131 -8.95 -4.35 -13.39
N GLU B 132 -9.28 -5.04 -12.29
CA GLU B 132 -10.15 -6.21 -12.35
C GLU B 132 -11.49 -5.79 -12.95
N PRO B 133 -12.06 -6.58 -13.86
CA PRO B 133 -13.37 -6.24 -14.40
C PRO B 133 -14.44 -6.03 -13.35
N PHE B 134 -15.25 -5.01 -13.56
CA PHE B 134 -16.38 -4.64 -12.76
C PHE B 134 -17.55 -5.11 -13.58
N VAL B 135 -18.11 -6.27 -13.19
CA VAL B 135 -19.06 -7.02 -13.95
C VAL B 135 -20.43 -6.59 -13.50
N VAL B 136 -21.32 -6.32 -14.45
CA VAL B 136 -22.61 -5.79 -14.16
C VAL B 136 -23.66 -6.57 -14.91
N TRP B 137 -24.72 -6.93 -14.19
CA TRP B 137 -25.80 -7.76 -14.68
C TRP B 137 -26.96 -6.83 -14.90
N PHE B 138 -27.36 -6.68 -16.17
CA PHE B 138 -28.40 -5.78 -16.58
C PHE B 138 -29.68 -6.53 -16.90
N GLN B 139 -30.81 -5.93 -16.51
CA GLN B 139 -32.13 -6.37 -16.84
C GLN B 139 -32.62 -5.48 -17.90
N SER B 140 -33.09 -6.16 -18.94
CA SER B 140 -33.52 -5.50 -20.17
C SER B 140 -34.98 -5.89 -20.52
N PRO B 141 -36.08 -5.30 -19.94
CA PRO B 141 -37.42 -5.79 -20.25
C PRO B 141 -37.88 -5.66 -21.71
N HIS B 142 -37.35 -4.71 -22.47
CA HIS B 142 -37.82 -4.41 -23.83
C HIS B 142 -37.11 -5.14 -24.97
N THR B 143 -35.97 -5.75 -24.68
CA THR B 143 -35.24 -6.49 -25.73
C THR B 143 -35.59 -7.97 -25.69
N ALA B 144 -35.30 -8.69 -26.76
CA ALA B 144 -35.51 -10.16 -26.78
C ALA B 144 -34.71 -10.76 -25.64
N VAL B 145 -33.42 -10.42 -25.57
CA VAL B 145 -32.62 -10.86 -24.41
C VAL B 145 -33.09 -10.05 -23.21
N LYS B 146 -33.61 -10.70 -22.18
CA LYS B 146 -34.18 -10.00 -21.02
C LYS B 146 -33.13 -9.57 -20.04
N ASP B 147 -31.96 -10.21 -20.10
CA ASP B 147 -30.84 -9.83 -19.29
C ASP B 147 -29.50 -10.28 -19.90
N PHE B 148 -28.46 -9.53 -19.54
CA PHE B 148 -27.13 -9.80 -19.97
C PHE B 148 -26.12 -9.24 -18.97
N VAL B 149 -24.90 -9.75 -19.06
CA VAL B 149 -23.80 -9.37 -18.25
C VAL B 149 -22.83 -8.63 -19.18
N ILE B 150 -22.27 -7.53 -18.67
CA ILE B 150 -21.22 -6.81 -19.32
C ILE B 150 -19.99 -6.94 -18.47
N ILE B 151 -18.91 -7.44 -19.10
CA ILE B 151 -17.61 -7.59 -18.49
C ILE B 151 -16.73 -6.55 -19.17
N PRO B 152 -16.36 -5.44 -18.48
CA PRO B 152 -15.49 -4.43 -19.06
C PRO B 152 -14.03 -4.71 -18.75
N LEU B 153 -13.15 -4.25 -19.65
CA LEU B 153 -11.73 -4.40 -19.43
C LEU B 153 -10.97 -3.24 -20.03
N HIS B 154 -10.02 -2.71 -19.27
CA HIS B 154 -9.05 -1.78 -19.76
C HIS B 154 -7.70 -2.34 -19.39
N THR B 155 -7.00 -2.86 -20.41
CA THR B 155 -5.77 -3.61 -20.20
C THR B 155 -4.65 -2.63 -20.14
N THR B 156 -3.56 -3.07 -19.51
CA THR B 156 -2.26 -2.46 -19.60
C THR B 156 -1.67 -2.92 -20.93
N PRO B 157 -1.19 -2.00 -21.80
CA PRO B 157 -0.69 -2.39 -23.12
C PRO B 157 0.24 -3.62 -23.14
N GLU B 158 1.27 -3.65 -22.30
CA GLU B 158 2.29 -4.73 -22.37
C GLU B 158 1.76 -6.10 -21.95
N THR B 159 0.63 -6.17 -21.26
CA THR B 159 0.12 -7.43 -20.77
C THR B 159 -1.22 -7.79 -21.41
N SER B 160 -1.57 -7.12 -22.50
CA SER B 160 -2.85 -7.36 -23.16
C SER B 160 -3.12 -8.82 -23.54
N VAL B 161 -2.12 -9.53 -24.03
CA VAL B 161 -2.29 -10.92 -24.47
C VAL B 161 -2.78 -11.77 -23.30
N LYS B 162 -2.03 -11.78 -22.19
CA LYS B 162 -2.50 -12.45 -20.98
C LYS B 162 -3.88 -11.99 -20.50
N GLU B 163 -4.13 -10.68 -20.47
CA GLU B 163 -5.32 -10.15 -19.85
C GLU B 163 -6.52 -10.52 -20.69
N ILE B 164 -6.40 -10.39 -22.01
CA ILE B 164 -7.52 -10.76 -22.87
C ILE B 164 -7.85 -12.25 -22.76
N ASP B 165 -6.80 -13.07 -22.69
CA ASP B 165 -6.94 -14.50 -22.54
C ASP B 165 -7.71 -14.87 -21.27
N GLU B 166 -7.40 -14.17 -20.18
CA GLU B 166 -8.01 -14.38 -18.87
C GLU B 166 -9.48 -14.01 -18.79
N LEU B 167 -9.98 -13.25 -19.74
CA LEU B 167 -11.39 -12.96 -19.80
C LEU B 167 -12.26 -14.22 -19.90
N VAL B 168 -11.75 -15.33 -20.45
CA VAL B 168 -12.54 -16.57 -20.37
C VAL B 168 -12.72 -17.10 -18.94
N GLU B 169 -11.77 -16.82 -18.04
CA GLU B 169 -11.90 -17.22 -16.65
C GLU B 169 -12.93 -16.34 -15.91
N VAL B 170 -13.05 -15.09 -16.32
CA VAL B 170 -14.09 -14.20 -15.72
C VAL B 170 -15.44 -14.74 -16.16
N TYR B 171 -15.56 -15.14 -17.41
CA TYR B 171 -16.82 -15.67 -17.97
C TYR B 171 -17.27 -16.89 -17.15
N THR B 172 -16.34 -17.77 -16.86
CA THR B 172 -16.63 -18.97 -16.08
C THR B 172 -17.07 -18.65 -14.67
N ASP B 173 -16.37 -17.71 -14.01
CA ASP B 173 -16.69 -17.33 -12.66
C ASP B 173 -18.10 -16.77 -12.64
N VAL B 174 -18.42 -15.89 -13.60
CA VAL B 174 -19.71 -15.23 -13.61
C VAL B 174 -20.84 -16.17 -13.87
N LYS B 175 -20.65 -17.14 -14.76
CA LYS B 175 -21.63 -18.21 -14.93
C LYS B 175 -21.89 -19.00 -13.67
N HIS B 176 -20.84 -19.41 -12.95
CA HIS B 176 -21.00 -20.14 -11.69
C HIS B 176 -21.76 -19.24 -10.65
N ARG B 177 -21.44 -17.96 -10.58
CA ARG B 177 -22.03 -17.09 -9.53
C ARG B 177 -23.49 -16.73 -9.80
N TRP B 178 -23.80 -16.35 -11.03
CA TRP B 178 -25.14 -15.89 -11.37
C TRP B 178 -26.00 -16.76 -12.29
N LYS B 179 -25.41 -17.72 -12.99
CA LYS B 179 -26.19 -18.53 -13.94
C LYS B 179 -26.76 -17.74 -15.14
N ALA B 180 -26.28 -16.50 -15.33
CA ALA B 180 -26.41 -15.75 -16.57
C ALA B 180 -25.83 -16.47 -17.81
N GLU B 181 -26.48 -16.27 -18.97
CA GLU B 181 -26.14 -16.94 -20.22
C GLU B 181 -25.62 -16.04 -21.35
N ASN B 182 -25.91 -14.74 -21.27
CA ASN B 182 -25.59 -13.80 -22.31
C ASN B 182 -24.61 -12.78 -21.82
N PHE B 183 -23.50 -12.66 -22.54
CA PHE B 183 -22.37 -11.84 -22.17
C PHE B 183 -21.90 -10.92 -23.28
N ILE B 184 -21.42 -9.75 -22.84
CA ILE B 184 -20.80 -8.76 -23.69
C ILE B 184 -19.50 -8.43 -23.00
N PHE B 185 -18.37 -8.60 -23.67
CA PHE B 185 -17.06 -8.21 -23.19
C PHE B 185 -16.71 -6.98 -24.01
N MET B 186 -16.33 -5.89 -23.34
CA MET B 186 -16.03 -4.69 -24.08
C MET B 186 -15.04 -3.87 -23.34
N GLY B 187 -14.33 -3.04 -24.09
CA GLY B 187 -13.44 -2.03 -23.53
C GLY B 187 -12.21 -1.85 -24.41
N ASP B 188 -11.17 -1.33 -23.78
CA ASP B 188 -9.92 -1.08 -24.40
C ASP B 188 -8.99 -2.27 -24.08
N PHE B 189 -8.93 -3.21 -25.02
CA PHE B 189 -8.10 -4.38 -24.96
C PHE B 189 -6.70 -4.14 -25.48
N ASN B 190 -6.45 -2.96 -26.07
CA ASN B 190 -5.19 -2.67 -26.73
C ASN B 190 -4.86 -3.80 -27.72
N ALA B 191 -5.87 -4.19 -28.50
CA ALA B 191 -5.84 -5.41 -29.27
C ALA B 191 -5.34 -5.14 -30.70
N GLY B 192 -4.18 -4.54 -30.81
CA GLY B 192 -3.62 -4.37 -32.12
C GLY B 192 -2.19 -3.95 -32.10
N CYS B 193 -1.69 -3.56 -33.28
CA CYS B 193 -0.40 -2.96 -33.48
C CYS B 193 0.66 -3.80 -32.80
N SER B 194 1.56 -3.22 -32.01
CA SER B 194 2.64 -3.98 -31.40
C SER B 194 2.25 -4.76 -30.11
N TYR B 195 1.09 -4.43 -29.52
CA TYR B 195 0.68 -5.05 -28.28
C TYR B 195 0.07 -6.43 -28.42
N VAL B 196 -0.78 -6.59 -29.42
CA VAL B 196 -1.29 -7.91 -29.76
C VAL B 196 -1.00 -8.08 -31.24
N PRO B 197 0.19 -8.59 -31.60
CA PRO B 197 0.50 -8.86 -33.01
C PRO B 197 -0.30 -10.07 -33.55
N LYS B 198 -0.35 -10.21 -34.86
CA LYS B 198 -1.09 -11.25 -35.57
C LYS B 198 -0.85 -12.66 -35.03
N LYS B 199 0.41 -12.99 -34.73
CA LYS B 199 0.84 -14.29 -34.28
C LYS B 199 0.36 -14.63 -32.86
N ALA B 200 -0.08 -13.61 -32.09
CA ALA B 200 -0.40 -13.80 -30.70
C ALA B 200 -1.85 -14.24 -30.52
N TRP B 201 -2.68 -14.07 -31.56
CA TRP B 201 -4.08 -14.46 -31.49
C TRP B 201 -4.31 -15.95 -31.19
N LYS B 202 -3.39 -16.80 -31.65
CA LYS B 202 -3.35 -18.21 -31.33
C LYS B 202 -3.38 -18.55 -29.86
N ASN B 203 -2.87 -17.68 -28.99
CA ASN B 203 -2.78 -17.98 -27.55
C ASN B 203 -3.81 -17.27 -26.78
N ILE B 204 -4.85 -16.78 -27.46
CA ILE B 204 -5.92 -16.09 -26.79
C ILE B 204 -7.20 -16.86 -26.98
N ARG B 205 -7.65 -17.48 -25.89
CA ARG B 205 -8.82 -18.37 -25.88
C ARG B 205 -10.07 -17.56 -26.21
N LEU B 206 -10.05 -16.26 -25.93
CA LEU B 206 -11.21 -15.42 -26.27
C LEU B 206 -11.41 -15.30 -27.78
N ARG B 207 -10.38 -15.61 -28.56
CA ARG B 207 -10.48 -15.60 -30.06
C ARG B 207 -10.56 -17.04 -30.60
N THR B 208 -9.73 -17.95 -30.10
CA THR B 208 -9.71 -19.29 -30.68
C THR B 208 -10.96 -20.14 -30.40
N ASP B 209 -11.74 -19.81 -29.36
CA ASP B 209 -13.00 -20.46 -29.10
C ASP B 209 -14.06 -19.67 -29.87
N PRO B 210 -14.61 -20.20 -30.99
CA PRO B 210 -15.45 -19.41 -31.90
C PRO B 210 -16.86 -19.11 -31.33
N ARG B 211 -17.24 -19.70 -30.20
CA ARG B 211 -18.47 -19.32 -29.55
C ARG B 211 -18.39 -17.88 -29.01
N PHE B 212 -17.17 -17.33 -28.88
CA PHE B 212 -16.97 -15.90 -28.66
C PHE B 212 -17.00 -15.18 -29.99
N VAL B 213 -18.00 -14.32 -30.20
CA VAL B 213 -18.23 -13.60 -31.47
C VAL B 213 -17.72 -12.13 -31.37
N TRP B 214 -16.74 -11.80 -32.20
CA TRP B 214 -16.06 -10.51 -32.26
C TRP B 214 -16.80 -9.54 -33.16
N LEU B 215 -17.34 -8.46 -32.60
CA LEU B 215 -18.09 -7.50 -33.36
C LEU B 215 -17.25 -6.40 -33.96
N ILE B 216 -16.08 -6.14 -33.41
CA ILE B 216 -15.12 -5.24 -34.04
C ILE B 216 -13.94 -6.09 -34.46
N GLY B 217 -13.67 -6.08 -35.77
CA GLY B 217 -12.67 -6.93 -36.36
C GLY B 217 -11.31 -6.27 -36.38
N ASP B 218 -10.32 -7.05 -36.78
CA ASP B 218 -8.93 -6.66 -36.73
C ASP B 218 -8.61 -5.51 -37.70
N GLN B 219 -9.47 -5.26 -38.69
CA GLN B 219 -9.23 -4.17 -39.68
C GLN B 219 -9.77 -2.78 -39.32
N GLU B 220 -10.52 -2.68 -38.22
CA GLU B 220 -11.12 -1.41 -37.80
C GLU B 220 -10.06 -0.40 -37.25
N ASP B 221 -10.37 0.89 -37.35
CA ASP B 221 -9.49 1.91 -36.73
C ASP B 221 -10.27 2.52 -35.57
N THR B 222 -9.81 2.27 -34.35
CA THR B 222 -10.44 2.91 -33.18
C THR B 222 -9.61 4.07 -32.62
N THR B 223 -8.53 4.46 -33.32
CA THR B 223 -7.69 5.58 -32.93
C THR B 223 -8.07 6.88 -33.65
N VAL B 224 -8.25 7.93 -32.87
CA VAL B 224 -8.60 9.27 -33.37
C VAL B 224 -7.50 9.78 -34.29
N LYS B 225 -6.24 9.69 -33.87
CA LYS B 225 -5.12 10.06 -34.76
C LYS B 225 -5.23 9.40 -36.13
N LYS B 226 -5.06 10.22 -37.17
CA LYS B 226 -5.06 9.75 -38.55
C LYS B 226 -3.87 8.82 -38.84
N SER B 227 -2.75 9.01 -38.15
CA SER B 227 -1.50 8.34 -38.47
C SER B 227 -1.49 6.91 -37.96
N THR B 228 -2.44 6.56 -37.10
CA THR B 228 -2.54 5.20 -36.65
C THR B 228 -3.88 4.59 -37.03
N ASN B 229 -3.82 3.30 -37.35
CA ASN B 229 -5.02 2.50 -37.71
C ASN B 229 -4.94 1.20 -36.90
N CYS B 230 -5.40 1.20 -35.66
CA CYS B 230 -5.39 0.02 -34.77
C CYS B 230 -6.79 -0.19 -34.19
N ALA B 231 -7.25 -1.44 -34.04
CA ALA B 231 -8.47 -1.82 -33.41
C ALA B 231 -8.19 -2.10 -31.94
N TYR B 232 -7.89 -1.04 -31.19
CA TYR B 232 -7.64 -1.17 -29.77
C TYR B 232 -8.87 -1.57 -28.99
N ASP B 233 -10.02 -1.00 -29.34
CA ASP B 233 -11.26 -1.16 -28.59
C ASP B 233 -12.11 -2.20 -29.28
N ARG B 234 -12.76 -3.02 -28.46
CA ARG B 234 -13.42 -4.21 -28.97
C ARG B 234 -14.72 -4.52 -28.28
N ILE B 235 -15.54 -5.30 -28.99
CA ILE B 235 -16.69 -5.86 -28.37
C ILE B 235 -16.74 -7.32 -28.78
N VAL B 236 -16.95 -8.19 -27.79
CA VAL B 236 -17.10 -9.61 -27.98
C VAL B 236 -18.39 -10.10 -27.25
N LEU B 237 -19.15 -10.97 -27.90
CA LEU B 237 -20.35 -11.52 -27.37
C LEU B 237 -20.23 -13.00 -27.14
N ARG B 238 -21.01 -13.52 -26.20
CA ARG B 238 -21.17 -14.95 -26.01
C ARG B 238 -22.58 -15.17 -25.55
N GLY B 239 -23.21 -16.20 -26.14
CA GLY B 239 -24.58 -16.57 -25.89
C GLY B 239 -25.30 -16.52 -27.21
N GLN B 240 -25.87 -17.65 -27.64
CA GLN B 240 -26.59 -17.73 -28.90
C GLN B 240 -27.77 -16.73 -28.98
N GLU B 241 -28.48 -16.51 -27.87
CA GLU B 241 -29.57 -15.55 -27.81
C GLU B 241 -29.14 -14.09 -28.11
N ILE B 242 -28.09 -13.62 -27.46
CA ILE B 242 -27.65 -12.24 -27.65
C ILE B 242 -26.96 -12.04 -29.01
N VAL B 243 -26.18 -13.03 -29.43
CA VAL B 243 -25.53 -13.02 -30.75
C VAL B 243 -26.53 -12.84 -31.88
N SER B 244 -27.62 -13.60 -31.84
CA SER B 244 -28.61 -13.57 -32.92
C SER B 244 -29.61 -12.41 -32.78
N SER B 245 -29.49 -11.61 -31.70
CA SER B 245 -30.27 -10.40 -31.51
C SER B 245 -29.51 -9.09 -31.87
N VAL B 246 -28.25 -9.20 -32.28
CA VAL B 246 -27.50 -8.06 -32.81
C VAL B 246 -28.15 -7.56 -34.10
N VAL B 247 -28.40 -6.25 -34.13
CA VAL B 247 -28.95 -5.60 -35.35
C VAL B 247 -27.89 -5.71 -36.47
N PRO B 248 -28.12 -6.42 -37.61
CA PRO B 248 -27.11 -6.53 -38.67
C PRO B 248 -26.49 -5.18 -39.12
N LYS B 249 -25.16 -5.14 -39.17
CA LYS B 249 -24.36 -3.95 -39.53
C LYS B 249 -24.28 -2.83 -38.50
N SER B 250 -24.87 -3.04 -37.32
CA SER B 250 -24.90 -2.00 -36.28
C SER B 250 -23.56 -1.87 -35.57
N ASN B 251 -22.77 -2.94 -35.63
CA ASN B 251 -21.51 -3.02 -34.92
C ASN B 251 -20.46 -2.21 -35.61
N SER B 252 -20.02 -1.12 -34.98
CA SER B 252 -19.13 -0.19 -35.63
C SER B 252 -18.40 0.73 -34.66
N VAL B 253 -17.42 1.45 -35.20
CA VAL B 253 -16.74 2.57 -34.62
C VAL B 253 -17.54 3.81 -34.95
N PHE B 254 -17.86 4.62 -33.94
CA PHE B 254 -18.56 5.86 -34.18
C PHE B 254 -17.48 6.93 -34.28
N ASP B 255 -17.25 7.41 -35.51
CA ASP B 255 -16.29 8.48 -35.73
C ASP B 255 -16.89 9.86 -35.37
N PHE B 256 -16.74 10.25 -34.09
CA PHE B 256 -17.30 11.52 -33.61
C PHE B 256 -16.67 12.75 -34.25
N GLN B 257 -15.44 12.60 -34.76
CA GLN B 257 -14.73 13.67 -35.47
C GLN B 257 -15.43 14.08 -36.75
N LYS B 258 -15.79 13.09 -37.58
CA LYS B 258 -16.51 13.33 -38.83
C LYS B 258 -17.95 13.78 -38.52
N ALA B 259 -18.58 13.11 -37.56
CA ALA B 259 -19.98 13.36 -37.21
C ALA B 259 -20.26 14.77 -36.70
N TYR B 260 -19.33 15.34 -35.92
CA TYR B 260 -19.50 16.70 -35.39
C TYR B 260 -18.53 17.69 -36.04
N LYS B 261 -17.91 17.26 -37.14
CA LYS B 261 -17.09 18.14 -37.99
C LYS B 261 -15.99 18.87 -37.20
N LEU B 262 -15.26 18.11 -36.38
CA LEU B 262 -14.17 18.60 -35.56
C LEU B 262 -12.82 18.40 -36.26
N THR B 263 -11.86 19.30 -35.99
CA THR B 263 -10.46 19.11 -36.38
C THR B 263 -9.83 17.98 -35.56
N GLU B 264 -8.62 17.57 -35.91
CA GLU B 264 -7.91 16.51 -35.15
C GLU B 264 -7.59 16.95 -33.72
N GLU B 265 -7.23 18.21 -33.55
CA GLU B 265 -6.86 18.73 -32.20
C GLU B 265 -8.11 18.79 -31.32
N GLU B 266 -9.21 19.28 -31.87
CA GLU B 266 -10.47 19.27 -31.11
C GLU B 266 -10.81 17.86 -30.71
N ALA B 267 -10.67 16.90 -31.63
CA ALA B 267 -11.06 15.53 -31.37
C ALA B 267 -10.13 14.88 -30.34
N LEU B 268 -8.85 15.21 -30.37
CA LEU B 268 -7.89 14.69 -29.40
C LEU B 268 -8.10 15.20 -27.99
N ASP B 269 -8.64 16.41 -27.83
CA ASP B 269 -9.11 16.95 -26.53
C ASP B 269 -10.24 16.13 -25.90
N VAL B 270 -11.08 15.53 -26.74
CA VAL B 270 -12.14 14.67 -26.28
C VAL B 270 -11.58 13.32 -25.85
N SER B 271 -10.84 12.69 -26.75
CA SER B 271 -10.18 11.42 -26.48
C SER B 271 -9.20 11.04 -27.58
N ASP B 272 -8.38 10.04 -27.28
CA ASP B 272 -7.50 9.41 -28.26
C ASP B 272 -8.18 8.22 -28.92
N HIS B 273 -9.34 7.82 -28.40
CA HIS B 273 -10.04 6.65 -28.85
C HIS B 273 -11.40 7.02 -29.31
N PHE B 274 -11.85 6.42 -30.42
CA PHE B 274 -13.22 6.49 -30.84
C PHE B 274 -14.04 5.46 -30.08
N PRO B 275 -15.32 5.77 -29.76
CA PRO B 275 -16.22 4.77 -29.19
C PRO B 275 -16.63 3.69 -30.20
N VAL B 276 -16.87 2.49 -29.68
CA VAL B 276 -17.38 1.36 -30.43
C VAL B 276 -18.77 1.06 -29.89
N GLU B 277 -19.61 0.44 -30.73
CA GLU B 277 -21.01 0.28 -30.39
C GLU B 277 -21.67 -0.78 -31.19
N PHE B 278 -22.84 -1.23 -30.73
CA PHE B 278 -23.69 -2.07 -31.56
C PHE B 278 -25.08 -1.88 -31.08
N LYS B 279 -26.04 -2.48 -31.78
CA LYS B 279 -27.43 -2.44 -31.42
C LYS B 279 -28.01 -3.81 -31.22
N LEU B 280 -28.89 -3.91 -30.20
CA LEU B 280 -29.66 -5.10 -29.86
C LEU B 280 -31.09 -4.91 -30.26
N GLN B 281 -31.74 -5.81 -31.01
CA GLN B 281 -33.18 -5.68 -31.38
C GLN B 281 -34.11 -6.07 -30.20
N PRO C 19 -13.64 10.08 19.49
CA PRO C 19 -13.91 8.64 19.35
C PRO C 19 -15.11 8.37 18.46
N MET C 20 -14.94 7.43 17.53
CA MET C 20 -15.98 7.13 16.51
C MET C 20 -16.99 6.10 17.00
N ARG C 21 -18.27 6.36 16.76
CA ARG C 21 -19.35 5.45 17.16
C ARG C 21 -19.86 4.64 15.97
N ILE C 22 -19.93 3.33 16.12
CA ILE C 22 -20.43 2.39 15.08
C ILE C 22 -21.69 1.73 15.64
N CYS C 23 -22.71 1.73 14.81
N CYS C 23 -22.75 1.79 14.87
CA CYS C 23 -23.99 1.18 15.30
CA CYS C 23 -24.01 1.23 15.36
C CYS C 23 -24.71 0.35 14.28
C CYS C 23 -24.77 0.43 14.31
N SER C 24 -25.56 -0.49 14.83
CA SER C 24 -26.34 -1.36 14.00
C SER C 24 -27.76 -1.21 14.49
N PHE C 25 -28.71 -1.10 13.56
CA PHE C 25 -30.09 -0.74 13.85
C PHE C 25 -31.06 -1.48 12.93
N ASN C 26 -31.78 -2.45 13.46
CA ASN C 26 -32.86 -3.08 12.74
C ASN C 26 -34.11 -2.24 12.90
N VAL C 27 -34.49 -1.55 11.81
CA VAL C 27 -35.69 -0.75 11.74
C VAL C 27 -36.77 -1.56 11.08
N ARG C 28 -37.76 -1.95 11.87
CA ARG C 28 -38.82 -2.81 11.41
C ARG C 28 -39.50 -2.23 10.16
N SER C 29 -39.41 -2.95 9.03
CA SER C 29 -40.13 -2.67 7.79
C SER C 29 -39.94 -1.24 7.35
N PHE C 30 -38.68 -0.89 7.10
CA PHE C 30 -38.33 0.49 6.67
C PHE C 30 -38.70 0.65 5.20
N GLY C 31 -39.98 0.82 4.93
CA GLY C 31 -40.50 0.95 3.58
C GLY C 31 -41.08 2.31 3.34
N GLU C 32 -41.81 2.47 2.23
CA GLU C 32 -42.34 3.77 1.82
C GLU C 32 -43.34 4.33 2.85
N SER C 33 -44.10 3.46 3.50
CA SER C 33 -45.10 3.91 4.49
C SER C 33 -44.46 4.38 5.80
N LYS C 34 -43.29 3.88 6.13
CA LYS C 34 -42.61 4.35 7.34
C LYS C 34 -42.07 5.77 7.16
N GLN C 35 -41.77 6.14 5.91
CA GLN C 35 -41.20 7.48 5.64
C GLN C 35 -42.27 8.56 5.77
N GLU C 36 -43.52 8.15 6.02
CA GLU C 36 -44.61 9.11 6.23
C GLU C 36 -45.15 9.18 7.67
N ASP C 37 -44.41 8.59 8.63
CA ASP C 37 -44.66 8.77 10.06
C ASP C 37 -43.56 9.72 10.52
N LYS C 38 -43.88 11.02 10.54
CA LYS C 38 -42.96 12.10 10.89
C LYS C 38 -42.27 11.80 12.23
N ASN C 39 -43.04 11.30 13.20
CA ASN C 39 -42.51 11.11 14.59
C ASN C 39 -41.61 9.88 14.69
N ALA C 40 -41.88 8.83 13.96
CA ALA C 40 -40.95 7.70 13.87
C ALA C 40 -39.70 8.11 13.07
N MET C 41 -39.89 8.91 12.03
CA MET C 41 -38.75 9.28 11.16
C MET C 41 -37.81 10.22 11.92
N ASP C 42 -38.38 11.10 12.75
CA ASP C 42 -37.55 12.05 13.54
C ASP C 42 -36.66 11.24 14.49
N VAL C 43 -37.24 10.24 15.14
CA VAL C 43 -36.48 9.40 16.05
C VAL C 43 -35.36 8.69 15.30
N ILE C 44 -35.68 8.15 14.12
CA ILE C 44 -34.67 7.45 13.30
C ILE C 44 -33.52 8.36 12.90
N VAL C 45 -33.83 9.59 12.46
CA VAL C 45 -32.81 10.55 12.12
C VAL C 45 -31.93 10.87 13.31
N LYS C 46 -32.53 11.10 14.47
CA LYS C 46 -31.75 11.39 15.69
C LYS C 46 -30.82 10.23 16.03
N VAL C 47 -31.32 8.99 15.92
CA VAL C 47 -30.46 7.82 16.17
C VAL C 47 -29.23 7.81 15.23
N ILE C 48 -29.48 8.02 13.94
CA ILE C 48 -28.42 8.04 12.94
C ILE C 48 -27.39 9.12 13.29
N LYS C 49 -27.86 10.29 13.74
CA LYS C 49 -26.97 11.44 13.99
C LYS C 49 -25.97 11.24 15.12
N ARG C 50 -26.24 10.30 16.02
CA ARG C 50 -25.28 9.90 17.04
C ARG C 50 -24.11 9.10 16.47
N CYS C 51 -24.32 8.54 15.28
CA CYS C 51 -23.33 7.56 14.76
C CYS C 51 -22.47 8.02 13.58
N ASP C 52 -21.22 7.58 13.57
CA ASP C 52 -20.26 7.83 12.52
C ASP C 52 -20.35 6.82 11.39
N ILE C 53 -20.70 5.57 11.71
CA ILE C 53 -21.16 4.57 10.73
C ILE C 53 -22.36 3.85 11.32
N ILE C 54 -23.43 3.71 10.56
CA ILE C 54 -24.55 2.94 11.00
C ILE C 54 -25.10 2.00 9.94
N LEU C 55 -25.25 0.74 10.36
CA LEU C 55 -25.87 -0.29 9.50
C LEU C 55 -27.36 -0.30 9.79
N VAL C 56 -28.16 -0.11 8.76
CA VAL C 56 -29.60 -0.17 8.85
C VAL C 56 -30.05 -1.39 8.08
N MET C 57 -30.92 -2.19 8.73
CA MET C 57 -31.48 -3.41 8.17
C MET C 57 -32.99 -3.30 8.05
N GLU C 58 -33.55 -4.18 7.21
CA GLU C 58 -34.97 -4.28 6.91
C GLU C 58 -35.45 -3.10 6.03
N ILE C 59 -34.56 -2.54 5.21
CA ILE C 59 -34.97 -1.62 4.15
C ILE C 59 -35.71 -2.39 3.06
N LYS C 60 -36.96 -2.01 2.81
CA LYS C 60 -37.83 -2.63 1.81
C LYS C 60 -38.40 -1.57 0.86
N ASP C 61 -37.81 -1.42 -0.33
CA ASP C 61 -38.42 -0.66 -1.44
C ASP C 61 -37.67 -0.85 -2.77
N SER C 62 -38.39 -0.80 -3.89
CA SER C 62 -37.76 -1.09 -5.20
C SER C 62 -37.29 0.17 -5.93
N ASN C 63 -37.34 1.32 -5.24
CA ASN C 63 -36.97 2.63 -5.85
C ASN C 63 -35.89 3.31 -4.99
N ASN C 64 -36.25 4.38 -4.32
CA ASN C 64 -35.26 4.94 -3.40
C ASN C 64 -35.98 5.40 -2.14
N ARG C 65 -35.24 5.42 -1.01
CA ARG C 65 -35.76 5.85 0.33
C ARG C 65 -34.54 6.28 1.14
N ILE C 66 -33.34 5.86 0.72
CA ILE C 66 -32.08 6.24 1.40
C ILE C 66 -31.74 7.65 0.96
N CYS C 67 -32.23 8.12 -0.19
CA CYS C 67 -32.00 9.56 -0.56
C CYS C 67 -32.85 10.49 0.34
N PRO C 68 -34.17 10.29 0.59
CA PRO C 68 -34.87 11.11 1.56
C PRO C 68 -34.13 11.15 2.90
N ILE C 69 -33.49 10.04 3.32
CA ILE C 69 -32.85 10.06 4.65
C ILE C 69 -31.67 11.02 4.56
N LEU C 70 -30.94 11.00 3.45
CA LEU C 70 -29.72 11.82 3.32
C LEU C 70 -30.08 13.30 3.20
N MET C 71 -31.24 13.62 2.65
CA MET C 71 -31.62 15.05 2.66
C MET C 71 -31.97 15.43 4.11
N GLU C 72 -32.78 14.62 4.78
CA GLU C 72 -33.12 14.87 6.19
C GLU C 72 -31.87 15.04 7.04
N LYS C 73 -30.86 14.22 6.80
CA LYS C 73 -29.64 14.24 7.63
C LYS C 73 -28.72 15.41 7.32
N LEU C 74 -28.81 15.97 6.12
CA LEU C 74 -27.83 17.02 5.74
C LEU C 74 -28.56 18.35 5.54
N ASN C 75 -29.80 18.48 6.02
CA ASN C 75 -30.61 19.72 5.80
C ASN C 75 -30.05 21.01 6.39
N ARG C 76 -29.92 21.03 7.70
CA ARG C 76 -29.25 22.17 8.35
C ARG C 76 -28.09 21.42 8.99
N ASN C 77 -26.86 21.83 8.70
CA ASN C 77 -25.73 20.98 9.15
C ASN C 77 -25.75 20.96 10.68
N SER C 78 -26.12 19.82 11.28
CA SER C 78 -26.28 19.77 12.76
C SER C 78 -25.06 20.37 13.45
N ARG C 79 -23.85 19.87 13.14
CA ARG C 79 -22.63 20.39 13.80
C ARG C 79 -21.93 21.35 12.84
N ARG C 80 -22.65 21.89 11.84
CA ARG C 80 -22.06 22.86 10.89
C ARG C 80 -20.81 22.26 10.24
N GLY C 81 -20.97 21.30 9.32
CA GLY C 81 -19.79 20.72 8.65
C GLY C 81 -19.89 19.21 8.58
N ILE C 82 -21.05 18.68 8.97
CA ILE C 82 -21.25 17.20 8.98
C ILE C 82 -21.98 16.76 7.73
N THR C 83 -21.29 16.10 6.81
CA THR C 83 -22.01 15.53 5.67
C THR C 83 -22.02 14.01 5.78
N TYR C 84 -23.08 13.40 5.32
CA TYR C 84 -23.20 11.94 5.37
C TYR C 84 -23.38 11.40 3.98
N ASN C 85 -23.08 10.13 3.79
CA ASN C 85 -23.27 9.42 2.53
C ASN C 85 -23.66 7.99 2.91
N TYR C 86 -23.91 7.21 1.86
CA TYR C 86 -24.41 5.84 2.07
C TYR C 86 -24.00 4.87 0.98
N VAL C 87 -23.88 3.61 1.34
CA VAL C 87 -23.77 2.53 0.36
C VAL C 87 -24.84 1.55 0.74
N ILE C 88 -25.50 0.97 -0.25
CA ILE C 88 -26.59 0.03 -0.04
C ILE C 88 -26.39 -1.23 -0.89
N SER C 89 -26.79 -2.38 -0.35
CA SER C 89 -26.70 -3.68 -1.03
C SER C 89 -27.73 -3.73 -2.13
N SER C 90 -27.67 -4.76 -2.96
CA SER C 90 -28.79 -5.19 -3.81
C SER C 90 -29.92 -5.74 -2.97
N ARG C 91 -31.00 -6.08 -3.66
CA ARG C 91 -32.20 -6.63 -3.06
C ARG C 91 -32.06 -8.15 -2.87
N LEU C 92 -32.01 -8.56 -1.60
CA LEU C 92 -31.68 -9.89 -1.17
C LEU C 92 -32.89 -10.59 -0.56
N GLY C 93 -33.06 -11.86 -0.92
CA GLY C 93 -34.14 -12.68 -0.38
C GLY C 93 -34.27 -13.93 -1.23
N ARG C 94 -34.03 -15.12 -0.66
CA ARG C 94 -34.03 -16.38 -1.47
C ARG C 94 -35.40 -16.63 -2.08
N ASN C 95 -36.46 -16.12 -1.44
CA ASN C 95 -37.84 -16.28 -1.97
C ASN C 95 -38.48 -14.89 -1.96
N THR C 96 -38.25 -14.10 -3.02
CA THR C 96 -38.74 -12.69 -3.03
C THR C 96 -38.55 -12.08 -1.62
N TYR C 97 -39.61 -11.58 -0.97
CA TYR C 97 -39.48 -10.96 0.38
C TYR C 97 -38.14 -10.18 0.61
N LYS C 98 -37.83 -9.29 -0.33
CA LYS C 98 -36.47 -8.78 -0.45
C LYS C 98 -36.21 -7.69 0.54
N GLU C 99 -34.96 -7.60 1.00
CA GLU C 99 -34.49 -6.56 1.87
C GLU C 99 -33.16 -6.05 1.36
N GLN C 100 -32.74 -4.90 1.89
CA GLN C 100 -31.43 -4.35 1.65
C GLN C 100 -30.76 -4.04 2.97
N TYR C 101 -29.43 -4.18 2.99
CA TYR C 101 -28.55 -3.67 4.01
C TYR C 101 -28.06 -2.32 3.49
N ALA C 102 -28.07 -1.29 4.34
CA ALA C 102 -27.47 0.00 4.04
C ALA C 102 -26.52 0.43 5.13
N PHE C 103 -25.41 1.05 4.72
CA PHE C 103 -24.47 1.66 5.62
C PHE C 103 -24.55 3.16 5.38
N LEU C 104 -24.84 3.92 6.42
CA LEU C 104 -24.80 5.39 6.39
C LEU C 104 -23.56 5.77 7.13
N TYR C 105 -22.80 6.75 6.64
CA TYR C 105 -21.55 7.16 7.28
C TYR C 105 -21.21 8.62 7.11
N LYS C 106 -20.40 9.16 8.02
CA LYS C 106 -19.91 10.53 7.89
C LYS C 106 -18.78 10.61 6.90
N GLU C 107 -19.05 11.19 5.73
CA GLU C 107 -18.08 11.42 4.63
C GLU C 107 -16.69 11.86 5.03
N LYS C 108 -16.52 12.85 5.89
CA LYS C 108 -15.15 13.36 6.15
C LYS C 108 -14.38 12.49 7.13
N LEU C 109 -15.06 11.53 7.78
CA LEU C 109 -14.42 10.71 8.80
C LEU C 109 -14.02 9.34 8.28
N VAL C 110 -14.85 8.79 7.39
CA VAL C 110 -14.59 7.52 6.73
C VAL C 110 -15.03 7.52 5.29
N SER C 111 -14.49 6.57 4.53
CA SER C 111 -14.89 6.26 3.16
C SER C 111 -14.95 4.73 2.94
N VAL C 112 -15.68 4.35 1.89
CA VAL C 112 -15.81 2.98 1.43
C VAL C 112 -14.72 2.69 0.40
N LYS C 113 -13.83 1.74 0.68
CA LYS C 113 -12.84 1.32 -0.24
C LYS C 113 -13.46 0.31 -1.24
N ARG C 114 -14.16 -0.68 -0.68
N ARG C 114 -14.15 -0.68 -0.68
CA ARG C 114 -14.74 -1.76 -1.51
CA ARG C 114 -14.76 -1.74 -1.53
C ARG C 114 -15.94 -2.42 -0.82
C ARG C 114 -15.93 -2.43 -0.82
N SER C 115 -16.85 -2.96 -1.60
CA SER C 115 -17.97 -3.71 -1.08
C SER C 115 -18.24 -4.90 -1.97
N TYR C 116 -18.74 -6.01 -1.39
CA TYR C 116 -19.20 -7.10 -2.22
C TYR C 116 -20.20 -7.95 -1.50
N HIS C 117 -20.97 -8.73 -2.27
CA HIS C 117 -21.91 -9.72 -1.75
C HIS C 117 -21.25 -11.05 -1.63
N TYR C 118 -21.27 -11.63 -0.43
CA TYR C 118 -20.73 -12.94 -0.23
C TYR C 118 -21.45 -13.92 -1.14
N HIS C 119 -20.71 -14.82 -1.79
CA HIS C 119 -21.28 -15.95 -2.51
C HIS C 119 -20.50 -17.26 -2.34
N ASP C 120 -21.15 -18.37 -2.02
CA ASP C 120 -20.40 -19.61 -1.72
C ASP C 120 -20.22 -20.33 -3.01
N TYR C 121 -18.99 -20.32 -3.54
CA TYR C 121 -18.72 -20.92 -4.84
C TYR C 121 -18.73 -22.47 -4.82
N GLN C 122 -18.67 -23.03 -3.61
CA GLN C 122 -18.67 -24.51 -3.45
C GLN C 122 -20.07 -25.08 -3.23
N ASP C 123 -20.32 -26.25 -3.83
CA ASP C 123 -21.61 -26.98 -3.68
C ASP C 123 -22.81 -26.06 -3.71
N GLY C 124 -23.77 -26.31 -2.82
CA GLY C 124 -24.92 -25.40 -2.72
C GLY C 124 -24.37 -24.00 -2.61
N ASP C 125 -24.64 -23.16 -3.60
CA ASP C 125 -24.06 -21.81 -3.65
C ASP C 125 -24.88 -20.67 -3.01
N ALA C 126 -26.21 -20.81 -3.00
CA ALA C 126 -27.13 -19.89 -2.31
C ALA C 126 -27.89 -20.63 -1.19
N ASP C 127 -27.24 -21.50 -0.44
CA ASP C 127 -28.01 -22.35 0.51
C ASP C 127 -28.17 -21.82 1.94
N VAL C 128 -27.16 -21.21 2.55
CA VAL C 128 -27.26 -20.92 3.99
C VAL C 128 -27.93 -19.58 4.38
N PHE C 129 -27.48 -18.48 3.78
CA PHE C 129 -28.07 -17.18 4.03
C PHE C 129 -29.22 -16.87 3.08
N SER C 130 -30.33 -16.37 3.60
CA SER C 130 -31.42 -15.86 2.77
C SER C 130 -30.99 -14.49 2.26
N ARG C 131 -30.36 -13.73 3.15
CA ARG C 131 -29.80 -12.41 2.78
C ARG C 131 -28.29 -12.49 2.95
N GLU C 132 -27.55 -12.71 1.85
CA GLU C 132 -26.09 -12.87 1.90
C GLU C 132 -25.47 -11.60 2.44
N PRO C 133 -24.50 -11.66 3.37
CA PRO C 133 -23.82 -10.47 3.83
C PRO C 133 -23.29 -9.58 2.71
N PHE C 134 -23.51 -8.27 2.90
CA PHE C 134 -23.02 -7.23 2.04
C PHE C 134 -21.88 -6.66 2.82
N VAL C 135 -20.69 -7.17 2.49
CA VAL C 135 -19.46 -6.83 3.25
C VAL C 135 -18.85 -5.56 2.69
N VAL C 136 -18.41 -4.67 3.57
CA VAL C 136 -17.95 -3.35 3.20
C VAL C 136 -16.67 -3.07 3.92
N TRP C 137 -15.70 -2.54 3.18
CA TRP C 137 -14.33 -2.28 3.65
C TRP C 137 -14.25 -0.78 3.81
N PHE C 138 -14.07 -0.32 5.04
CA PHE C 138 -14.03 1.11 5.35
C PHE C 138 -12.62 1.56 5.63
N GLN C 139 -12.30 2.76 5.17
CA GLN C 139 -11.02 3.41 5.42
C GLN C 139 -11.31 4.47 6.48
N SER C 140 -10.46 4.54 7.49
CA SER C 140 -10.71 5.38 8.65
C SER C 140 -9.44 6.11 9.06
N PRO C 141 -9.05 7.19 8.36
CA PRO C 141 -7.76 7.84 8.63
C PRO C 141 -7.55 8.38 10.07
N HIS C 142 -8.63 8.69 10.79
CA HIS C 142 -8.54 9.30 12.14
C HIS C 142 -8.51 8.36 13.34
N THR C 143 -8.80 7.08 13.09
CA THR C 143 -8.73 6.13 14.21
C THR C 143 -7.41 5.38 14.21
N ALA C 144 -7.10 4.76 15.33
CA ALA C 144 -5.88 3.96 15.51
C ALA C 144 -5.85 2.81 14.50
N VAL C 145 -6.99 2.15 14.30
CA VAL C 145 -7.16 1.23 13.18
C VAL C 145 -7.57 1.98 11.92
N LYS C 146 -6.75 1.84 10.88
CA LYS C 146 -6.88 2.66 9.67
C LYS C 146 -7.93 2.16 8.71
N ASP C 147 -8.26 0.89 8.83
CA ASP C 147 -9.34 0.31 8.07
C ASP C 147 -9.90 -0.95 8.71
N PHE C 148 -11.15 -1.24 8.37
CA PHE C 148 -11.83 -2.42 8.87
C PHE C 148 -12.96 -2.82 7.93
N VAL C 149 -13.39 -4.07 8.11
CA VAL C 149 -14.42 -4.64 7.31
C VAL C 149 -15.61 -4.85 8.24
N ILE C 150 -16.82 -4.54 7.75
CA ILE C 150 -18.02 -4.81 8.44
C ILE C 150 -18.78 -5.85 7.64
N ILE C 151 -19.01 -6.98 8.33
CA ILE C 151 -19.81 -8.09 7.76
C ILE C 151 -21.21 -8.02 8.43
N PRO C 152 -22.30 -7.61 7.73
CA PRO C 152 -23.61 -7.60 8.30
C PRO C 152 -24.44 -8.87 8.11
N LEU C 153 -25.30 -9.14 9.06
CA LEU C 153 -26.17 -10.26 8.91
C LEU C 153 -27.51 -10.00 9.52
N HIS C 154 -28.56 -10.39 8.79
CA HIS C 154 -29.90 -10.43 9.30
C HIS C 154 -30.42 -11.81 9.02
N THR C 155 -30.51 -12.62 10.07
CA THR C 155 -30.83 -14.04 9.97
C THR C 155 -32.33 -14.15 9.97
N THR C 156 -32.78 -15.26 9.40
CA THR C 156 -34.12 -15.78 9.56
C THR C 156 -34.12 -16.48 10.91
N PRO C 157 -35.09 -16.18 11.81
CA PRO C 157 -35.09 -16.74 13.16
C PRO C 157 -34.79 -18.23 13.24
N GLU C 158 -35.49 -19.05 12.45
CA GLU C 158 -35.40 -20.51 12.57
C GLU C 158 -34.12 -21.14 12.05
N THR C 159 -33.27 -20.34 11.43
CA THR C 159 -31.99 -20.85 10.85
C THR C 159 -30.81 -20.10 11.46
N SER C 160 -31.00 -19.39 12.55
CA SER C 160 -29.94 -18.59 13.12
C SER C 160 -28.67 -19.36 13.51
N VAL C 161 -28.81 -20.54 14.09
CA VAL C 161 -27.64 -21.33 14.52
C VAL C 161 -26.71 -21.59 13.33
N LYS C 162 -27.24 -22.20 12.27
CA LYS C 162 -26.44 -22.38 11.06
C LYS C 162 -25.87 -21.08 10.48
N GLU C 163 -26.70 -20.05 10.35
CA GLU C 163 -26.28 -18.79 9.69
C GLU C 163 -25.16 -18.12 10.49
N ILE C 164 -25.30 -18.08 11.80
CA ILE C 164 -24.27 -17.45 12.62
C ILE C 164 -22.96 -18.20 12.51
N ASP C 165 -23.03 -19.52 12.51
CA ASP C 165 -21.88 -20.40 12.40
C ASP C 165 -21.12 -20.15 11.09
N GLU C 166 -21.89 -19.96 10.00
CA GLU C 166 -21.35 -19.71 8.69
C GLU C 166 -20.62 -18.38 8.51
N LEU C 167 -20.81 -17.44 9.44
CA LEU C 167 -20.08 -16.21 9.42
C LEU C 167 -18.58 -16.40 9.47
N VAL C 168 -18.08 -17.50 10.07
CA VAL C 168 -16.64 -17.74 9.97
C VAL C 168 -16.14 -18.03 8.55
N GLU C 169 -17.00 -18.60 7.69
CA GLU C 169 -16.65 -18.83 6.29
C GLU C 169 -16.61 -17.51 5.51
N VAL C 170 -17.48 -16.57 5.87
CA VAL C 170 -17.44 -15.24 5.21
C VAL C 170 -16.13 -14.56 5.61
N TYR C 171 -15.74 -14.67 6.87
CA TYR C 171 -14.48 -14.05 7.38
C TYR C 171 -13.28 -14.58 6.59
N THR C 172 -13.26 -15.89 6.35
CA THR C 172 -12.17 -16.51 5.59
C THR C 172 -12.14 -16.03 4.15
N ASP C 173 -13.30 -15.95 3.51
CA ASP C 173 -13.40 -15.54 2.14
C ASP C 173 -12.87 -14.10 2.05
N VAL C 174 -13.35 -13.20 2.91
CA VAL C 174 -12.94 -11.77 2.90
C VAL C 174 -11.43 -11.64 3.11
N LYS C 175 -10.87 -12.36 4.09
CA LYS C 175 -9.41 -12.36 4.26
C LYS C 175 -8.65 -12.76 3.01
N HIS C 176 -9.07 -13.84 2.32
CA HIS C 176 -8.43 -14.25 1.05
C HIS C 176 -8.55 -13.13 0.00
N ARG C 177 -9.74 -12.51 -0.10
CA ARG C 177 -10.01 -11.53 -1.19
C ARG C 177 -9.31 -10.19 -0.98
N TRP C 178 -9.33 -9.66 0.22
CA TRP C 178 -8.78 -8.34 0.54
C TRP C 178 -7.55 -8.47 1.48
N LYS C 179 -6.83 -7.41 1.75
CA LYS C 179 -5.71 -7.62 2.72
C LYS C 179 -6.20 -7.46 4.16
N ALA C 180 -7.49 -7.57 4.41
CA ALA C 180 -8.06 -7.19 5.73
C ALA C 180 -7.65 -8.01 6.95
N GLU C 181 -7.38 -7.31 8.05
CA GLU C 181 -7.09 -7.94 9.36
C GLU C 181 -8.15 -7.66 10.46
N ASN C 182 -8.91 -6.58 10.33
CA ASN C 182 -9.82 -6.13 11.35
C ASN C 182 -11.23 -6.20 10.89
N PHE C 183 -12.07 -6.89 11.67
CA PHE C 183 -13.44 -7.20 11.32
C PHE C 183 -14.45 -6.86 12.42
N ILE C 184 -15.62 -6.44 11.99
CA ILE C 184 -16.77 -6.20 12.84
C ILE C 184 -17.90 -6.98 12.20
N PHE C 185 -18.51 -7.90 12.94
CA PHE C 185 -19.71 -8.62 12.51
C PHE C 185 -20.84 -8.02 13.31
N MET C 186 -21.86 -7.53 12.61
CA MET C 186 -22.94 -6.84 13.35
C MET C 186 -24.28 -6.96 12.64
N GLY C 187 -25.35 -7.18 13.41
CA GLY C 187 -26.70 -7.18 12.89
C GLY C 187 -27.65 -7.90 13.79
N ASP C 188 -28.76 -8.33 13.21
CA ASP C 188 -29.76 -9.06 13.88
C ASP C 188 -29.52 -10.56 13.64
N PHE C 189 -28.83 -11.18 14.59
CA PHE C 189 -28.54 -12.61 14.61
C PHE C 189 -29.66 -13.45 15.18
N ASN C 190 -30.69 -12.81 15.75
CA ASN C 190 -31.72 -13.51 16.47
C ASN C 190 -31.12 -14.46 17.51
N ALA C 191 -30.13 -13.95 18.23
CA ALA C 191 -29.23 -14.74 19.03
C ALA C 191 -29.70 -14.86 20.44
N GLY C 192 -30.94 -15.30 20.62
CA GLY C 192 -31.41 -15.54 21.97
C GLY C 192 -32.68 -16.32 21.99
N CYS C 193 -33.28 -16.36 23.17
CA CYS C 193 -34.63 -16.88 23.42
C CYS C 193 -34.69 -18.29 22.83
N SER C 194 -35.73 -18.63 22.07
CA SER C 194 -35.87 -20.01 21.58
C SER C 194 -35.07 -20.30 20.28
N TYR C 195 -34.58 -19.26 19.61
CA TYR C 195 -33.88 -19.40 18.35
C TYR C 195 -32.45 -19.87 18.49
N VAL C 196 -31.73 -19.30 19.44
CA VAL C 196 -30.40 -19.78 19.78
C VAL C 196 -30.42 -20.01 21.27
N PRO C 197 -30.82 -21.20 21.73
CA PRO C 197 -30.79 -21.50 23.17
C PRO C 197 -29.34 -21.68 23.68
N LYS C 198 -29.16 -21.61 25.00
CA LYS C 198 -27.88 -21.74 25.66
C LYS C 198 -27.04 -22.96 25.17
N LYS C 199 -27.67 -24.10 24.91
CA LYS C 199 -26.93 -25.34 24.54
C LYS C 199 -26.44 -25.28 23.09
N ALA C 200 -26.96 -24.37 22.29
CA ALA C 200 -26.61 -24.32 20.87
C ALA C 200 -25.32 -23.58 20.61
N TRP C 201 -24.86 -22.80 21.60
CA TRP C 201 -23.62 -22.04 21.44
C TRP C 201 -22.39 -22.90 21.15
N LYS C 202 -22.36 -24.11 21.68
CA LYS C 202 -21.37 -25.14 21.35
C LYS C 202 -21.13 -25.37 19.85
N ASN C 203 -22.16 -25.21 19.03
CA ASN C 203 -22.03 -25.52 17.61
C ASN C 203 -21.88 -24.32 16.77
N ILE C 204 -21.53 -23.20 17.39
CA ILE C 204 -21.32 -21.96 16.68
C ILE C 204 -19.89 -21.55 16.84
N ARG C 205 -19.12 -21.68 15.76
CA ARG C 205 -17.69 -21.43 15.73
C ARG C 205 -17.41 -19.93 16.00
N LEU C 206 -18.39 -19.07 15.71
CA LEU C 206 -18.23 -17.65 15.97
C LEU C 206 -18.16 -17.35 17.48
N ARG C 207 -18.67 -18.27 18.30
CA ARG C 207 -18.59 -18.19 19.75
C ARG C 207 -17.50 -19.06 20.37
N THR C 208 -17.34 -20.29 19.91
CA THR C 208 -16.34 -21.17 20.51
C THR C 208 -14.88 -20.83 20.19
N ASP C 209 -14.63 -20.07 19.13
CA ASP C 209 -13.30 -19.58 18.84
C ASP C 209 -13.15 -18.25 19.57
N PRO C 210 -12.35 -18.16 20.66
CA PRO C 210 -12.35 -16.98 21.52
C PRO C 210 -11.64 -15.75 20.89
N ARG C 211 -10.99 -15.91 19.75
CA ARG C 211 -10.45 -14.79 19.04
C ARG C 211 -11.57 -13.89 18.49
N PHE C 212 -12.80 -14.43 18.41
CA PHE C 212 -13.98 -13.61 18.16
C PHE C 212 -14.46 -13.05 19.49
N VAL C 213 -14.44 -11.73 19.64
CA VAL C 213 -14.80 -11.02 20.87
C VAL C 213 -16.21 -10.42 20.73
N TRP C 214 -17.10 -10.86 21.64
CA TRP C 214 -18.51 -10.49 21.66
C TRP C 214 -18.69 -9.21 22.49
N LEU C 215 -19.13 -8.13 21.88
CA LEU C 215 -19.36 -6.89 22.59
C LEU C 215 -20.72 -6.75 23.20
N ILE C 216 -21.71 -7.47 22.67
CA ILE C 216 -23.01 -7.56 23.31
C ILE C 216 -23.16 -8.99 23.82
N GLY C 217 -23.32 -9.10 25.14
CA GLY C 217 -23.39 -10.37 25.85
C GLY C 217 -24.78 -10.95 25.88
N ASP C 218 -24.87 -12.19 26.33
CA ASP C 218 -26.12 -12.93 26.32
C ASP C 218 -27.18 -12.34 27.28
N GLN C 219 -26.77 -11.51 28.23
CA GLN C 219 -27.71 -10.89 29.22
C GLN C 219 -28.34 -9.55 28.79
N GLU C 220 -27.89 -8.97 27.67
CA GLU C 220 -28.41 -7.69 27.18
C GLU C 220 -29.86 -7.81 26.63
N ASP C 221 -30.61 -6.71 26.71
CA ASP C 221 -31.96 -6.69 26.12
C ASP C 221 -31.92 -5.78 24.90
N THR C 222 -32.11 -6.35 23.73
CA THR C 222 -32.19 -5.56 22.51
C THR C 222 -33.61 -5.40 21.98
N THR C 223 -34.61 -5.89 22.73
CA THR C 223 -35.99 -5.76 22.38
C THR C 223 -36.68 -4.57 23.05
N VAL C 224 -37.37 -3.77 22.23
CA VAL C 224 -38.09 -2.60 22.67
C VAL C 224 -39.16 -2.96 23.69
N LYS C 225 -39.97 -3.97 23.37
CA LYS C 225 -40.99 -4.44 24.32
C LYS C 225 -40.37 -4.76 25.68
N LYS C 226 -41.07 -4.34 26.74
CA LYS C 226 -40.60 -4.62 28.12
C LYS C 226 -40.86 -6.08 28.50
N SER C 227 -41.76 -6.76 27.79
CA SER C 227 -42.10 -8.14 28.16
C SER C 227 -41.07 -9.13 27.67
N THR C 228 -40.18 -8.70 26.79
CA THR C 228 -39.12 -9.57 26.36
C THR C 228 -37.78 -8.98 26.68
N ASN C 229 -36.85 -9.88 27.01
CA ASN C 229 -35.46 -9.62 27.36
C ASN C 229 -34.57 -10.60 26.59
N CYS C 230 -34.21 -10.18 25.38
CA CYS C 230 -33.40 -11.05 24.51
C CYS C 230 -32.32 -10.22 23.80
N ALA C 231 -31.13 -10.77 23.68
CA ALA C 231 -30.02 -10.18 22.95
C ALA C 231 -30.04 -10.68 21.51
N TYR C 232 -31.04 -10.23 20.76
CA TYR C 232 -31.14 -10.55 19.36
C TYR C 232 -30.02 -9.95 18.51
N ASP C 233 -29.68 -8.70 18.79
CA ASP C 233 -28.73 -7.93 17.99
C ASP C 233 -27.38 -7.96 18.67
N ARG C 234 -26.34 -8.08 17.83
CA ARG C 234 -25.01 -8.37 18.32
C ARG C 234 -23.92 -7.66 17.58
N ILE C 235 -22.77 -7.59 18.25
CA ILE C 235 -21.58 -7.09 17.63
C ILE C 235 -20.47 -7.99 18.07
N VAL C 236 -19.70 -8.47 17.09
CA VAL C 236 -18.55 -9.33 17.32
C VAL C 236 -17.33 -8.77 16.53
N LEU C 237 -16.17 -8.75 17.17
CA LEU C 237 -14.99 -8.24 16.58
C LEU C 237 -13.97 -9.35 16.40
N ARG C 238 -13.06 -9.13 15.44
CA ARG C 238 -11.92 -9.99 15.26
C ARG C 238 -10.80 -9.12 14.75
N GLY C 239 -9.62 -9.31 15.35
CA GLY C 239 -8.41 -8.61 15.00
C GLY C 239 -7.89 -7.97 16.25
N GLN C 240 -6.65 -8.27 16.63
CA GLN C 240 -6.12 -7.77 17.90
C GLN C 240 -6.07 -6.23 17.94
N GLU C 241 -5.74 -5.60 16.81
CA GLU C 241 -5.75 -4.13 16.69
C GLU C 241 -7.11 -3.47 16.99
N ILE C 242 -8.17 -3.96 16.38
CA ILE C 242 -9.48 -3.35 16.55
C ILE C 242 -10.09 -3.66 17.93
N VAL C 243 -9.88 -4.88 18.41
CA VAL C 243 -10.32 -5.30 19.73
C VAL C 243 -9.75 -4.40 20.82
N SER C 244 -8.44 -4.12 20.74
CA SER C 244 -7.78 -3.30 21.77
C SER C 244 -7.98 -1.79 21.57
N SER C 245 -8.69 -1.41 20.50
CA SER C 245 -9.11 -0.05 20.23
C SER C 245 -10.55 0.29 20.67
N VAL C 246 -11.23 -0.69 21.27
CA VAL C 246 -12.63 -0.46 21.74
C VAL C 246 -12.59 0.48 22.96
N VAL C 247 -13.37 1.56 22.92
CA VAL C 247 -13.43 2.41 24.10
C VAL C 247 -14.12 1.66 25.23
N PRO C 248 -13.47 1.47 26.39
CA PRO C 248 -14.10 0.79 27.53
C PRO C 248 -15.50 1.29 27.91
N LYS C 249 -16.43 0.33 28.03
CA LYS C 249 -17.84 0.54 28.42
C LYS C 249 -18.72 1.13 27.30
N SER C 250 -18.15 1.36 26.11
CA SER C 250 -18.88 2.01 25.02
C SER C 250 -19.87 1.07 24.37
N ASN C 251 -19.60 -0.24 24.50
CA ASN C 251 -20.43 -1.26 23.89
C ASN C 251 -21.72 -1.43 24.63
N SER C 252 -22.82 -1.07 23.99
CA SER C 252 -24.09 -1.06 24.64
C SER C 252 -25.26 -1.01 23.69
N VAL C 253 -26.45 -1.18 24.27
CA VAL C 253 -27.75 -0.97 23.65
C VAL C 253 -28.14 0.47 23.91
N PHE C 254 -28.53 1.18 22.86
CA PHE C 254 -29.03 2.52 23.03
C PHE C 254 -30.51 2.45 23.15
N ASP C 255 -31.01 2.67 24.37
CA ASP C 255 -32.43 2.73 24.64
C ASP C 255 -33.05 4.07 24.20
N PHE C 256 -33.47 4.15 22.93
CA PHE C 256 -34.03 5.38 22.37
C PHE C 256 -35.37 5.76 22.99
N GLN C 257 -36.07 4.78 23.56
CA GLN C 257 -37.34 5.01 24.26
C GLN C 257 -37.15 5.89 25.49
N LYS C 258 -36.18 5.55 26.35
CA LYS C 258 -35.87 6.32 27.54
C LYS C 258 -35.24 7.66 27.15
N ALA C 259 -34.32 7.62 26.17
CA ALA C 259 -33.57 8.81 25.75
C ALA C 259 -34.43 9.92 25.18
N TYR C 260 -35.48 9.58 24.42
CA TYR C 260 -36.39 10.55 23.84
C TYR C 260 -37.77 10.53 24.48
N LYS C 261 -37.86 9.87 25.65
CA LYS C 261 -39.04 9.94 26.53
C LYS C 261 -40.32 9.56 25.80
N LEU C 262 -40.28 8.44 25.05
CA LEU C 262 -41.40 7.91 24.31
C LEU C 262 -42.14 6.82 25.12
N THR C 263 -43.45 6.67 24.91
CA THR C 263 -44.22 5.52 25.39
C THR C 263 -43.81 4.25 24.63
N GLU C 264 -44.31 3.08 25.07
CA GLU C 264 -44.01 1.80 24.41
C GLU C 264 -44.56 1.76 22.94
N GLU C 265 -45.77 2.29 22.75
CA GLU C 265 -46.40 2.31 21.44
C GLU C 265 -45.63 3.22 20.46
N GLU C 266 -45.16 4.36 20.96
CA GLU C 266 -44.40 5.30 20.11
C GLU C 266 -43.01 4.75 19.83
N ALA C 267 -42.49 3.89 20.71
CA ALA C 267 -41.20 3.26 20.46
C ALA C 267 -41.33 2.07 19.50
N LEU C 268 -42.44 1.32 19.61
CA LEU C 268 -42.70 0.20 18.71
C LEU C 268 -42.97 0.63 17.26
N ASP C 269 -43.53 1.82 17.05
CA ASP C 269 -43.68 2.31 15.67
C ASP C 269 -42.35 2.77 15.02
N VAL C 270 -41.32 3.02 15.83
CA VAL C 270 -39.97 3.20 15.30
C VAL C 270 -39.37 1.84 14.91
N SER C 271 -39.36 0.92 15.88
CA SER C 271 -38.85 -0.41 15.68
C SER C 271 -39.19 -1.33 16.85
N ASP C 272 -39.03 -2.63 16.62
CA ASP C 272 -39.11 -3.65 17.66
C ASP C 272 -37.76 -3.91 18.29
N HIS C 273 -36.70 -3.35 17.72
CA HIS C 273 -35.35 -3.59 18.18
C HIS C 273 -34.71 -2.27 18.55
N PHE C 274 -33.96 -2.24 19.65
CA PHE C 274 -33.09 -1.13 19.97
C PHE C 274 -31.78 -1.28 19.19
N PRO C 275 -31.14 -0.16 18.81
CA PRO C 275 -29.80 -0.22 18.21
C PRO C 275 -28.73 -0.59 19.22
N VAL C 276 -27.66 -1.25 18.71
CA VAL C 276 -26.48 -1.58 19.48
C VAL C 276 -25.34 -0.79 18.90
N GLU C 277 -24.36 -0.48 19.74
CA GLU C 277 -23.29 0.41 19.31
C GLU C 277 -22.03 0.23 20.13
N PHE C 278 -20.90 0.71 19.63
CA PHE C 278 -19.69 0.80 20.42
C PHE C 278 -18.90 1.93 19.87
N LYS C 279 -17.78 2.24 20.53
CA LYS C 279 -16.87 3.28 20.09
C LYS C 279 -15.46 2.74 19.91
N LEU C 280 -14.81 3.25 18.85
CA LEU C 280 -13.41 2.98 18.54
C LEU C 280 -12.56 4.18 18.84
N GLN C 281 -11.46 3.97 19.59
CA GLN C 281 -10.46 5.01 19.91
C GLN C 281 -9.39 5.12 18.75
N PRO D 19 10.65 -11.09 28.03
CA PRO D 19 10.88 -9.63 28.05
C PRO D 19 12.20 -9.27 27.39
N MET D 20 12.13 -8.30 26.48
CA MET D 20 13.31 -7.94 25.66
C MET D 20 14.18 -6.87 26.34
N ARG D 21 15.48 -7.08 26.30
CA ARG D 21 16.46 -6.13 26.89
C ARG D 21 17.15 -5.29 25.81
N ILE D 22 17.14 -3.98 25.96
CA ILE D 22 17.76 -2.99 25.06
C ILE D 22 18.88 -2.31 25.86
N CYS D 23 20.09 -2.32 25.30
CA CYS D 23 21.30 -1.87 25.96
C CYS D 23 22.02 -0.83 25.11
N SER D 24 22.78 0.04 25.76
CA SER D 24 23.65 0.96 25.11
C SER D 24 24.98 0.80 25.80
N PHE D 25 26.05 0.75 25.01
CA PHE D 25 27.37 0.39 25.50
C PHE D 25 28.45 1.15 24.76
N ASN D 26 29.10 2.10 25.44
CA ASN D 26 30.26 2.78 24.89
C ASN D 26 31.49 1.94 25.18
N VAL D 27 32.03 1.33 24.12
CA VAL D 27 33.23 0.51 24.17
C VAL D 27 34.40 1.35 23.72
N ARG D 28 35.27 1.69 24.67
CA ARG D 28 36.37 2.58 24.43
C ARG D 28 37.23 2.09 23.25
N SER D 29 37.28 2.91 22.17
CA SER D 29 38.19 2.74 21.05
C SER D 29 38.12 1.33 20.48
N PHE D 30 36.92 0.93 20.05
CA PHE D 30 36.69 -0.42 19.50
C PHE D 30 37.26 -0.45 18.08
N GLY D 31 38.57 -0.63 17.99
CA GLY D 31 39.27 -0.75 16.70
C GLY D 31 39.79 -2.16 16.49
N GLU D 32 40.49 -2.41 15.38
CA GLU D 32 40.92 -3.77 15.04
C GLU D 32 41.89 -4.39 16.10
N SER D 33 42.64 -3.52 16.79
CA SER D 33 43.62 -3.97 17.82
C SER D 33 42.91 -4.48 19.09
N LYS D 34 41.71 -3.99 19.38
CA LYS D 34 40.98 -4.50 20.54
C LYS D 34 40.57 -5.97 20.38
N GLN D 35 40.39 -6.43 19.14
CA GLN D 35 40.00 -7.85 18.87
C GLN D 35 41.09 -8.80 19.38
N GLU D 36 42.30 -8.30 19.60
CA GLU D 36 43.43 -9.16 19.99
C GLU D 36 43.77 -9.09 21.50
N ASP D 37 42.84 -8.60 22.33
CA ASP D 37 42.92 -8.82 23.80
C ASP D 37 42.48 -10.24 24.30
N LYS D 38 41.38 -10.76 23.71
CA LYS D 38 40.79 -12.05 24.04
C LYS D 38 40.01 -12.04 25.34
N ASN D 39 40.65 -11.58 26.43
CA ASN D 39 39.97 -11.39 27.72
C ASN D 39 38.88 -10.31 27.64
N ALA D 40 39.25 -9.15 27.11
CA ALA D 40 38.32 -8.05 26.93
C ALA D 40 37.23 -8.43 25.94
N MET D 41 37.61 -9.17 24.88
CA MET D 41 36.68 -9.54 23.84
C MET D 41 35.62 -10.50 24.37
N ASP D 42 36.04 -11.46 25.22
CA ASP D 42 35.08 -12.39 25.81
C ASP D 42 34.07 -11.68 26.75
N VAL D 43 34.53 -10.69 27.51
CA VAL D 43 33.63 -9.92 28.36
C VAL D 43 32.62 -9.15 27.50
N ILE D 44 33.10 -8.55 26.40
CA ILE D 44 32.23 -7.80 25.49
C ILE D 44 31.15 -8.68 24.87
N VAL D 45 31.54 -9.88 24.41
CA VAL D 45 30.60 -10.83 23.87
C VAL D 45 29.55 -11.20 24.90
N LYS D 46 29.97 -11.50 26.14
CA LYS D 46 29.02 -11.82 27.21
C LYS D 46 28.03 -10.68 27.44
N VAL D 47 28.51 -9.44 27.47
CA VAL D 47 27.62 -8.31 27.65
C VAL D 47 26.55 -8.24 26.53
N ILE D 48 27.00 -8.37 25.29
CA ILE D 48 26.12 -8.33 24.15
C ILE D 48 25.06 -9.42 24.25
N LYS D 49 25.45 -10.62 24.69
CA LYS D 49 24.53 -11.77 24.68
C LYS D 49 23.33 -11.56 25.60
N ARG D 50 23.49 -10.80 26.67
CA ARG D 50 22.36 -10.46 27.53
C ARG D 50 21.30 -9.62 26.81
N CYS D 51 21.63 -9.01 25.68
CA CYS D 51 20.77 -8.03 25.06
C CYS D 51 20.15 -8.49 23.75
N ASP D 52 18.91 -8.05 23.53
CA ASP D 52 18.14 -8.31 22.33
C ASP D 52 18.38 -7.24 21.24
N ILE D 53 18.62 -6.00 21.66
CA ILE D 53 19.17 -4.94 20.83
C ILE D 53 20.25 -4.21 21.63
N ILE D 54 21.40 -3.98 21.03
CA ILE D 54 22.44 -3.23 21.70
C ILE D 54 23.13 -2.27 20.77
N LEU D 55 23.18 -1.00 21.20
CA LEU D 55 23.89 0.05 20.56
C LEU D 55 25.30 0.04 21.07
N VAL D 56 26.25 -0.06 20.14
CA VAL D 56 27.67 0.02 20.43
C VAL D 56 28.21 1.27 19.79
N MET D 57 28.95 2.05 20.57
CA MET D 57 29.54 3.31 20.16
C MET D 57 31.05 3.26 20.30
N GLU D 58 31.69 4.20 19.59
CA GLU D 58 33.15 4.36 19.52
C GLU D 58 33.79 3.21 18.68
N ILE D 59 33.04 2.79 17.65
CA ILE D 59 33.59 1.82 16.68
C ILE D 59 34.46 2.64 15.73
N LYS D 60 35.76 2.38 15.68
CA LYS D 60 36.74 3.14 14.93
C LYS D 60 37.64 2.34 13.97
N ASP D 61 37.08 1.98 12.81
CA ASP D 61 37.81 1.16 11.81
C ASP D 61 37.41 1.59 10.41
N SER D 62 38.38 2.04 9.62
CA SER D 62 38.11 2.55 8.26
C SER D 62 38.05 1.40 7.25
N ASN D 63 38.39 0.17 7.65
CA ASN D 63 38.22 -0.93 6.68
C ASN D 63 37.05 -1.67 7.30
N ASN D 64 37.30 -2.73 8.12
CA ASN D 64 36.17 -3.43 8.81
C ASN D 64 36.47 -4.36 10.00
N ARG D 65 35.54 -4.44 10.99
CA ARG D 65 35.75 -5.22 12.25
C ARG D 65 34.42 -5.69 12.89
N ILE D 66 33.26 -5.24 12.42
CA ILE D 66 31.95 -5.60 13.03
C ILE D 66 31.56 -6.98 12.51
N CYS D 67 32.28 -7.49 11.54
CA CYS D 67 32.05 -8.89 11.05
C CYS D 67 32.80 -9.87 11.99
N PRO D 68 34.12 -9.77 12.30
CA PRO D 68 34.72 -10.58 13.36
C PRO D 68 33.90 -10.68 14.62
N ILE D 69 33.22 -9.61 15.00
CA ILE D 69 32.46 -9.66 16.29
C ILE D 69 31.30 -10.60 16.06
N LEU D 70 30.65 -10.52 14.91
CA LEU D 70 29.42 -11.31 14.66
C LEU D 70 29.82 -12.79 14.56
N MET D 71 30.99 -13.09 14.00
CA MET D 71 31.45 -14.50 13.98
C MET D 71 31.57 -14.94 15.44
N GLU D 72 32.34 -14.20 16.22
CA GLU D 72 32.58 -14.54 17.62
C GLU D 72 31.26 -14.74 18.35
N LYS D 73 30.27 -13.92 18.04
CA LYS D 73 28.99 -13.98 18.78
C LYS D 73 28.12 -15.13 18.33
N LEU D 74 28.38 -15.63 17.13
CA LEU D 74 27.50 -16.66 16.54
C LEU D 74 28.11 -18.03 16.82
N ASN D 75 29.45 -18.10 16.91
CA ASN D 75 30.16 -19.39 17.13
C ASN D 75 29.55 -20.10 18.34
N ARG D 76 29.67 -19.49 19.50
CA ARG D 76 28.97 -20.00 20.70
C ARG D 76 27.49 -19.87 20.37
N ASN D 77 26.70 -20.88 20.66
CA ASN D 77 25.28 -20.87 20.22
C ASN D 77 24.31 -21.11 21.37
N SER D 78 23.13 -20.47 21.35
CA SER D 78 22.08 -20.80 22.34
C SER D 78 20.69 -20.90 21.70
N ARG D 79 20.38 -22.10 21.19
CA ARG D 79 19.04 -22.39 20.59
C ARG D 79 18.80 -21.59 19.31
N ARG D 80 17.76 -20.76 19.30
CA ARG D 80 17.51 -19.86 18.14
C ARG D 80 18.14 -18.48 18.27
N GLY D 81 18.23 -17.93 19.48
CA GLY D 81 18.74 -16.58 19.68
C GLY D 81 20.13 -16.33 19.09
N ILE D 82 20.78 -17.41 18.67
CA ILE D 82 22.17 -17.29 18.15
C ILE D 82 22.13 -16.28 17.04
N THR D 83 21.04 -16.24 16.27
CA THR D 83 21.01 -15.35 15.10
C THR D 83 21.29 -13.97 15.70
N TYR D 84 22.39 -13.32 15.32
CA TYR D 84 22.63 -11.93 15.77
C TYR D 84 23.02 -11.24 14.46
N ASN D 85 22.40 -10.09 14.18
CA ASN D 85 22.75 -9.31 12.98
C ASN D 85 23.01 -7.87 13.41
N TYR D 86 23.48 -7.02 12.50
CA TYR D 86 23.76 -5.66 12.83
C TYR D 86 23.46 -4.74 11.69
N VAL D 87 23.19 -3.48 12.05
CA VAL D 87 23.22 -2.38 11.13
C VAL D 87 24.19 -1.40 11.71
N ILE D 88 25.02 -0.81 10.85
CA ILE D 88 26.00 0.17 11.24
C ILE D 88 25.85 1.45 10.42
N SER D 89 26.10 2.59 11.05
CA SER D 89 26.07 3.89 10.43
C SER D 89 27.23 4.01 9.49
N SER D 90 27.24 5.08 8.69
CA SER D 90 28.44 5.56 8.01
C SER D 90 29.39 6.17 9.03
N ARG D 91 30.53 6.60 8.51
CA ARG D 91 31.61 7.14 9.30
C ARG D 91 31.39 8.63 9.55
N LEU D 92 31.16 8.98 10.81
CA LEU D 92 30.72 10.29 11.26
C LEU D 92 31.75 10.99 12.10
N GLY D 93 32.01 12.25 11.77
CA GLY D 93 32.84 13.12 12.58
C GLY D 93 32.85 14.46 11.91
N ARG D 94 32.89 15.54 12.69
CA ARG D 94 32.80 16.92 12.15
C ARG D 94 33.83 17.10 11.04
N ASN D 95 35.06 16.67 11.26
CA ASN D 95 36.07 16.71 10.21
C ASN D 95 36.55 15.47 9.42
N THR D 96 37.64 14.79 9.86
CA THR D 96 38.03 13.43 9.46
C THR D 96 38.24 12.44 10.63
N TYR D 97 38.08 12.90 11.88
CA TYR D 97 38.09 12.00 13.04
C TYR D 97 36.72 11.33 13.13
N LYS D 98 36.61 10.07 12.69
CA LYS D 98 35.35 9.40 12.43
C LYS D 98 35.08 8.23 13.34
N GLU D 99 33.81 8.02 13.68
CA GLU D 99 33.31 6.90 14.47
C GLU D 99 32.06 6.37 13.79
N GLN D 100 31.63 5.18 14.21
CA GLN D 100 30.38 4.61 13.77
C GLN D 100 29.53 4.21 14.96
N TYR D 101 28.19 4.31 14.80
CA TYR D 101 27.22 3.70 15.68
C TYR D 101 26.86 2.37 15.02
N ALA D 102 26.80 1.29 15.80
CA ALA D 102 26.26 0.01 15.37
C ALA D 102 25.16 -0.46 16.30
N PHE D 103 24.13 -1.07 15.73
CA PHE D 103 23.10 -1.75 16.46
C PHE D 103 23.27 -3.23 16.15
N LEU D 104 23.44 -4.04 17.18
CA LEU D 104 23.45 -5.48 17.10
C LEU D 104 22.12 -5.92 17.62
N TYR D 105 21.48 -6.88 16.97
CA TYR D 105 20.16 -7.34 17.37
C TYR D 105 19.94 -8.82 17.06
N LYS D 106 19.04 -9.44 17.82
CA LYS D 106 18.67 -10.82 17.56
C LYS D 106 17.69 -10.90 16.39
N GLU D 107 18.16 -11.44 15.26
CA GLU D 107 17.36 -11.50 14.00
C GLU D 107 15.95 -12.08 14.16
N LYS D 108 15.79 -13.13 14.94
CA LYS D 108 14.48 -13.79 15.04
C LYS D 108 13.49 -13.04 15.91
N LEU D 109 13.95 -12.01 16.63
CA LEU D 109 13.11 -11.28 17.60
C LEU D 109 12.71 -9.91 17.07
N VAL D 110 13.63 -9.25 16.34
CA VAL D 110 13.39 -7.96 15.75
C VAL D 110 14.03 -7.82 14.39
N SER D 111 13.53 -6.83 13.64
CA SER D 111 14.06 -6.44 12.35
C SER D 111 14.08 -4.91 12.20
N VAL D 112 14.91 -4.46 11.26
CA VAL D 112 15.08 -3.07 10.89
C VAL D 112 14.14 -2.74 9.74
N LYS D 113 13.20 -1.82 9.95
CA LYS D 113 12.33 -1.36 8.89
C LYS D 113 13.05 -0.29 8.05
N ARG D 114 13.68 0.68 8.71
CA ARG D 114 14.37 1.78 8.06
C ARG D 114 15.46 2.32 8.95
N SER D 115 16.38 3.07 8.34
CA SER D 115 17.40 3.78 9.01
C SER D 115 17.75 5.01 8.23
N TYR D 116 18.16 6.09 8.90
CA TYR D 116 18.73 7.22 8.19
C TYR D 116 19.56 8.06 9.11
N HIS D 117 20.42 8.90 8.52
CA HIS D 117 21.25 9.84 9.24
C HIS D 117 20.53 11.18 9.29
N TYR D 118 20.40 11.70 10.49
CA TYR D 118 19.78 12.99 10.69
C TYR D 118 20.56 14.05 9.93
N HIS D 119 19.85 14.93 9.25
CA HIS D 119 20.39 16.11 8.60
C HIS D 119 19.52 17.36 8.75
N ASP D 120 20.09 18.48 9.16
CA ASP D 120 19.30 19.68 9.44
C ASP D 120 19.27 20.44 8.17
N TYR D 121 18.10 20.46 7.53
CA TYR D 121 17.94 21.15 6.25
C TYR D 121 17.95 22.68 6.36
N GLN D 122 17.70 23.23 7.56
CA GLN D 122 17.70 24.66 7.78
C GLN D 122 19.10 25.17 8.04
N ASP D 123 19.76 24.76 9.11
CA ASP D 123 21.11 25.32 9.41
C ASP D 123 22.16 24.21 9.55
N GLY D 124 22.72 23.73 8.45
CA GLY D 124 23.82 22.74 8.53
C GLY D 124 25.15 23.43 8.66
N ASP D 125 25.16 24.61 9.27
CA ASP D 125 26.40 25.41 9.36
C ASP D 125 27.19 25.00 10.61
N ALA D 126 26.63 25.23 11.79
CA ALA D 126 27.28 24.79 13.04
C ALA D 126 27.29 23.26 13.04
N ASP D 127 26.30 22.65 12.37
CA ASP D 127 26.15 21.18 12.35
C ASP D 127 25.64 20.70 13.72
N VAL D 128 26.07 21.34 14.82
CA VAL D 128 25.63 20.97 16.17
C VAL D 128 26.06 19.59 16.64
N PHE D 129 25.71 18.54 15.89
CA PHE D 129 26.26 17.22 16.13
C PHE D 129 27.57 16.98 15.39
N SER D 130 28.57 16.43 16.10
CA SER D 130 29.80 15.96 15.49
C SER D 130 29.47 14.63 14.79
N ARG D 131 28.72 13.81 15.52
CA ARG D 131 28.26 12.50 15.00
C ARG D 131 26.73 12.53 14.93
N GLU D 132 26.17 12.86 13.77
CA GLU D 132 24.73 12.97 13.58
C GLU D 132 24.08 11.65 13.97
N PRO D 133 22.96 11.65 14.71
CA PRO D 133 22.29 10.40 15.03
C PRO D 133 21.97 9.56 13.81
N PHE D 134 22.18 8.26 13.96
CA PHE D 134 21.85 7.25 12.99
C PHE D 134 20.62 6.62 13.57
N VAL D 135 19.47 7.00 13.02
CA VAL D 135 18.16 6.72 13.58
C VAL D 135 17.68 5.42 12.91
N VAL D 136 17.17 4.50 13.71
CA VAL D 136 16.80 3.20 13.25
C VAL D 136 15.43 2.87 13.78
N TRP D 137 14.57 2.37 12.88
CA TRP D 137 13.18 2.07 13.14
C TRP D 137 13.11 0.56 13.21
N PHE D 138 12.77 0.04 14.39
CA PHE D 138 12.74 -1.39 14.65
C PHE D 138 11.32 -1.88 14.71
N GLN D 139 11.14 -3.07 14.15
CA GLN D 139 9.84 -3.77 14.20
C GLN D 139 10.04 -4.86 15.24
N SER D 140 9.11 -5.02 16.15
CA SER D 140 9.21 -5.92 17.28
C SER D 140 7.91 -6.70 17.45
N PRO D 141 7.67 -7.75 16.63
CA PRO D 141 6.39 -8.46 16.66
C PRO D 141 5.97 -9.07 18.02
N HIS D 142 6.93 -9.37 18.91
CA HIS D 142 6.65 -10.06 20.18
C HIS D 142 6.37 -9.19 21.40
N THR D 143 6.73 -7.90 21.34
CA THR D 143 6.42 -6.98 22.41
C THR D 143 5.05 -6.33 22.24
N ALA D 144 4.58 -5.71 23.33
CA ALA D 144 3.33 -4.94 23.36
C ALA D 144 3.41 -3.77 22.40
N VAL D 145 4.63 -3.17 22.34
CA VAL D 145 4.93 -2.06 21.39
C VAL D 145 5.48 -2.74 20.15
N LYS D 146 4.82 -2.60 19.01
CA LYS D 146 5.19 -3.36 17.82
C LYS D 146 6.35 -2.75 17.07
N ASP D 147 6.58 -1.47 17.29
CA ASP D 147 7.71 -0.81 16.70
C ASP D 147 8.13 0.45 17.46
N PHE D 148 9.41 0.79 17.32
CA PHE D 148 9.98 1.92 17.97
C PHE D 148 11.22 2.39 17.20
N VAL D 149 11.58 3.65 17.46
CA VAL D 149 12.70 4.30 16.86
C VAL D 149 13.73 4.49 17.95
N ILE D 150 14.99 4.23 17.62
CA ILE D 150 16.10 4.47 18.48
C ILE D 150 16.92 5.56 17.85
N ILE D 151 17.14 6.64 18.62
CA ILE D 151 17.93 7.78 18.22
C ILE D 151 19.17 7.71 19.11
N PRO D 152 20.35 7.31 18.58
CA PRO D 152 21.56 7.26 19.38
C PRO D 152 22.35 8.56 19.32
N LEU D 153 23.12 8.83 20.37
CA LEU D 153 23.96 10.01 20.41
C LEU D 153 25.19 9.78 21.20
N HIS D 154 26.33 10.22 20.65
CA HIS D 154 27.57 10.23 21.36
C HIS D 154 28.10 11.62 21.19
N THR D 155 28.02 12.39 22.27
CA THR D 155 28.32 13.81 22.26
C THR D 155 29.78 13.97 22.46
N THR D 156 30.27 15.11 22.00
CA THR D 156 31.58 15.64 22.35
C THR D 156 31.40 16.28 23.72
N PRO D 157 32.25 15.95 24.72
CA PRO D 157 32.05 16.46 26.09
C PRO D 157 31.75 17.97 26.16
N GLU D 158 32.54 18.82 25.48
CA GLU D 158 32.42 20.26 25.62
C GLU D 158 31.17 20.90 24.98
N THR D 159 30.41 20.13 24.21
CA THR D 159 29.22 20.65 23.58
C THR D 159 27.98 19.83 23.94
N SER D 160 28.07 19.01 25.00
CA SER D 160 26.95 18.19 25.39
C SER D 160 25.64 18.92 25.61
N VAL D 161 25.67 20.09 26.26
CA VAL D 161 24.41 20.78 26.56
C VAL D 161 23.65 21.10 25.28
N LYS D 162 24.30 21.76 24.32
CA LYS D 162 23.68 22.00 23.01
C LYS D 162 23.22 20.71 22.31
N GLU D 163 24.05 19.66 22.31
CA GLU D 163 23.78 18.48 21.50
C GLU D 163 22.58 17.76 22.11
N ILE D 164 22.54 17.64 23.44
CA ILE D 164 21.42 16.96 24.08
C ILE D 164 20.12 17.71 23.82
N ASP D 165 20.18 19.05 23.90
CA ASP D 165 19.04 19.89 23.63
C ASP D 165 18.46 19.67 22.23
N GLU D 166 19.38 19.53 21.25
CA GLU D 166 19.02 19.36 19.86
C GLU D 166 18.34 18.02 19.54
N LEU D 167 18.43 17.06 20.45
CA LEU D 167 17.72 15.81 20.27
C LEU D 167 16.22 15.99 20.10
N VAL D 168 15.63 17.05 20.66
CA VAL D 168 14.21 17.26 20.36
C VAL D 168 13.93 17.63 18.91
N GLU D 169 14.88 18.25 18.23
CA GLU D 169 14.73 18.51 16.78
C GLU D 169 14.82 17.21 15.95
N VAL D 170 15.64 16.25 16.40
CA VAL D 170 15.69 14.94 15.68
C VAL D 170 14.35 14.25 15.85
N TYR D 171 13.77 14.30 17.04
CA TYR D 171 12.44 13.69 17.33
C TYR D 171 11.40 14.27 16.37
N THR D 172 11.39 15.58 16.20
CA THR D 172 10.47 16.23 15.29
C THR D 172 10.64 15.81 13.85
N ASP D 173 11.90 15.74 13.40
CA ASP D 173 12.20 15.38 12.03
C ASP D 173 11.70 13.96 11.80
N VAL D 174 11.98 13.05 12.74
CA VAL D 174 11.62 11.66 12.58
C VAL D 174 10.12 11.46 12.58
N LYS D 175 9.39 12.20 13.40
CA LYS D 175 7.93 12.19 13.31
C LYS D 175 7.39 12.65 11.96
N HIS D 176 7.91 13.76 11.40
CA HIS D 176 7.54 14.23 10.06
C HIS D 176 7.84 13.11 9.00
N ARG D 177 8.99 12.44 9.10
CA ARG D 177 9.39 11.49 8.03
C ARG D 177 8.71 10.14 8.13
N TRP D 178 8.53 9.60 9.32
CA TRP D 178 8.02 8.24 9.54
C TRP D 178 6.68 8.08 10.23
N LYS D 179 6.18 9.07 10.94
CA LYS D 179 4.91 8.86 11.67
C LYS D 179 4.94 7.75 12.78
N ALA D 180 6.16 7.32 13.13
CA ALA D 180 6.45 6.62 14.38
C ALA D 180 6.04 7.42 15.64
N GLU D 181 5.64 6.69 16.68
CA GLU D 181 5.10 7.26 17.93
C GLU D 181 5.97 6.99 19.19
N ASN D 182 6.80 5.95 19.15
CA ASN D 182 7.55 5.50 20.27
C ASN D 182 9.00 5.62 20.01
N PHE D 183 9.70 6.30 20.93
CA PHE D 183 11.09 6.67 20.79
C PHE D 183 11.94 6.31 21.98
N ILE D 184 13.20 5.93 21.70
CA ILE D 184 14.19 5.67 22.70
C ILE D 184 15.39 6.49 22.28
N PHE D 185 15.85 7.38 23.15
CA PHE D 185 17.07 8.18 22.92
C PHE D 185 18.12 7.58 23.84
N MET D 186 19.23 7.11 23.30
CA MET D 186 20.20 6.39 24.17
C MET D 186 21.64 6.58 23.69
N GLY D 187 22.57 6.70 24.63
CA GLY D 187 23.98 6.77 24.30
C GLY D 187 24.77 7.48 25.36
N ASP D 188 25.93 7.98 24.94
CA ASP D 188 26.83 8.69 25.80
C ASP D 188 26.60 10.17 25.58
N PHE D 189 25.77 10.74 26.45
CA PHE D 189 25.45 12.16 26.48
C PHE D 189 26.46 12.99 27.24
N ASN D 190 27.41 12.34 27.93
CA ASN D 190 28.31 13.03 28.82
C ASN D 190 27.53 13.93 29.78
N ALA D 191 26.47 13.34 30.35
CA ALA D 191 25.44 14.08 31.06
C ALA D 191 25.72 14.13 32.53
N GLY D 192 26.91 14.60 32.88
CA GLY D 192 27.21 14.77 34.27
C GLY D 192 28.45 15.55 34.52
N CYS D 193 28.89 15.52 35.79
CA CYS D 193 30.17 16.04 36.24
C CYS D 193 30.30 17.48 35.73
N SER D 194 31.44 17.84 35.13
CA SER D 194 31.65 19.23 34.71
C SER D 194 31.02 19.62 33.35
N TYR D 195 30.63 18.61 32.57
CA TYR D 195 30.09 18.83 31.24
C TYR D 195 28.66 19.29 31.21
N VAL D 196 27.82 18.65 32.02
CA VAL D 196 26.45 19.09 32.18
C VAL D 196 26.25 19.25 33.68
N PRO D 197 26.57 20.42 34.25
CA PRO D 197 26.31 20.66 35.68
C PRO D 197 24.81 20.77 35.97
N LYS D 198 24.40 20.71 37.24
CA LYS D 198 22.95 20.73 37.59
C LYS D 198 22.27 21.99 37.03
N LYS D 199 22.94 23.13 37.08
CA LYS D 199 22.37 24.39 36.60
C LYS D 199 22.06 24.40 35.09
N ALA D 200 22.64 23.47 34.33
CA ALA D 200 22.50 23.46 32.89
C ALA D 200 21.25 22.75 32.42
N TRP D 201 20.66 21.94 33.30
CA TRP D 201 19.46 21.18 32.94
C TRP D 201 18.27 22.02 32.50
N LYS D 202 18.17 23.24 33.04
CA LYS D 202 17.15 24.17 32.61
C LYS D 202 17.19 24.55 31.12
N ASN D 203 18.33 24.40 30.44
CA ASN D 203 18.40 24.77 29.02
C ASN D 203 18.39 23.58 28.13
N ILE D 204 17.97 22.42 28.67
CA ILE D 204 17.88 21.24 27.86
C ILE D 204 16.45 20.79 27.78
N ARG D 205 15.87 20.96 26.59
CA ARG D 205 14.44 20.68 26.33
C ARG D 205 14.15 19.19 26.51
N LEU D 206 15.16 18.36 26.36
CA LEU D 206 14.97 16.92 26.52
C LEU D 206 14.67 16.57 27.99
N ARG D 207 15.02 17.47 28.92
CA ARG D 207 14.71 17.27 30.36
C ARG D 207 13.52 18.15 30.77
N THR D 208 13.49 19.43 30.38
CA THR D 208 12.40 20.28 30.85
C THR D 208 11.00 19.94 30.31
N ASP D 209 10.92 19.24 29.18
CA ASP D 209 9.64 18.74 28.67
C ASP D 209 9.41 17.37 29.31
N PRO D 210 8.46 17.24 30.27
CA PRO D 210 8.34 16.02 31.08
C PRO D 210 7.78 14.81 30.31
N ARG D 211 7.29 15.01 29.09
CA ARG D 211 6.87 13.89 28.29
C ARG D 211 8.08 13.02 27.87
N PHE D 212 9.30 13.57 28.00
CA PHE D 212 10.52 12.78 27.89
C PHE D 212 10.81 12.16 29.25
N VAL D 213 10.78 10.83 29.33
CA VAL D 213 10.97 10.08 30.57
C VAL D 213 12.39 9.48 30.62
N TRP D 214 13.15 9.89 31.65
CA TRP D 214 14.53 9.54 31.89
C TRP D 214 14.62 8.24 32.68
N LEU D 215 15.18 7.19 32.10
CA LEU D 215 15.29 5.90 32.79
C LEU D 215 16.54 5.75 33.60
N ILE D 216 17.59 6.49 33.27
CA ILE D 216 18.80 6.53 34.09
C ILE D 216 18.88 7.95 34.68
N GLY D 217 18.87 8.00 36.01
CA GLY D 217 18.81 9.24 36.76
C GLY D 217 20.15 9.85 37.03
N ASP D 218 20.13 11.06 37.56
CA ASP D 218 21.34 11.86 37.75
C ASP D 218 22.27 11.26 38.80
N GLN D 219 21.79 10.35 39.65
CA GLN D 219 22.58 9.74 40.73
C GLN D 219 23.35 8.47 40.35
N GLU D 220 23.10 7.92 39.16
CA GLU D 220 23.73 6.67 38.72
C GLU D 220 25.24 6.85 38.38
N ASP D 221 26.04 5.80 38.56
CA ASP D 221 27.42 5.81 38.14
C ASP D 221 27.53 4.95 36.86
N THR D 222 27.88 5.58 35.72
CA THR D 222 28.17 4.83 34.50
C THR D 222 29.66 4.74 34.18
N THR D 223 30.52 5.20 35.09
CA THR D 223 31.95 5.13 34.93
C THR D 223 32.56 3.94 35.64
N VAL D 224 33.36 3.16 34.90
CA VAL D 224 34.04 1.99 35.41
C VAL D 224 34.98 2.40 36.53
N LYS D 225 35.80 3.44 36.32
CA LYS D 225 36.64 3.97 37.37
C LYS D 225 35.92 4.16 38.69
N LYS D 226 36.56 3.66 39.74
CA LYS D 226 36.07 3.79 41.10
C LYS D 226 36.08 5.25 41.57
N SER D 227 37.01 6.06 41.04
CA SER D 227 37.23 7.41 41.55
C SER D 227 36.20 8.39 41.03
N THR D 228 35.43 7.98 40.02
CA THR D 228 34.39 8.86 39.52
C THR D 228 33.01 8.21 39.63
N ASN D 229 32.02 9.08 39.85
CA ASN D 229 30.61 8.76 39.91
C ASN D 229 29.85 9.77 39.06
N CYS D 230 29.73 9.50 37.75
CA CYS D 230 28.93 10.38 36.85
C CYS D 230 28.03 9.57 35.91
N ALA D 231 26.76 9.96 35.75
CA ALA D 231 25.79 9.35 34.85
C ALA D 231 25.98 9.88 33.45
N TYR D 232 27.09 9.53 32.82
CA TYR D 232 27.38 9.92 31.45
C TYR D 232 26.42 9.34 30.44
N ASP D 233 26.06 8.07 30.61
CA ASP D 233 25.26 7.32 29.65
C ASP D 233 23.84 7.28 30.13
N ARG D 234 22.91 7.40 29.17
CA ARG D 234 21.52 7.64 29.46
C ARG D 234 20.56 6.95 28.54
N ILE D 235 19.33 6.83 28.99
CA ILE D 235 18.26 6.36 28.20
C ILE D 235 17.06 7.23 28.52
N VAL D 236 16.43 7.74 27.46
CA VAL D 236 15.25 8.58 27.54
C VAL D 236 14.17 8.02 26.57
N LEU D 237 12.91 7.97 27.04
CA LEU D 237 11.83 7.49 26.23
C LEU D 237 10.85 8.60 25.95
N ARG D 238 10.09 8.45 24.86
CA ARG D 238 8.96 9.28 24.55
C ARG D 238 7.95 8.42 23.85
N GLY D 239 6.69 8.59 24.25
CA GLY D 239 5.54 7.86 23.76
C GLY D 239 4.92 7.13 24.94
N GLN D 240 3.65 7.43 25.21
CA GLN D 240 2.92 6.81 26.30
C GLN D 240 2.92 5.27 26.26
N GLU D 241 2.86 4.69 25.07
CA GLU D 241 2.82 3.22 24.94
C GLU D 241 4.13 2.60 25.40
N ILE D 242 5.27 3.09 24.90
CA ILE D 242 6.54 2.48 25.24
C ILE D 242 6.92 2.74 26.69
N VAL D 243 6.63 3.96 27.19
CA VAL D 243 6.87 4.32 28.58
C VAL D 243 6.19 3.35 29.55
N SER D 244 4.92 3.04 29.29
N SER D 244 4.92 3.05 29.27
CA SER D 244 4.15 2.18 30.17
CA SER D 244 4.10 2.18 30.11
C SER D 244 4.41 0.68 29.95
C SER D 244 4.50 0.70 30.01
N SER D 245 5.25 0.36 28.96
CA SER D 245 5.71 -1.00 28.69
C SER D 245 7.09 -1.36 29.28
N VAL D 246 7.75 -0.39 29.91
CA VAL D 246 9.02 -0.63 30.59
C VAL D 246 8.83 -1.60 31.76
N VAL D 247 9.64 -2.65 31.80
CA VAL D 247 9.56 -3.58 32.92
C VAL D 247 10.07 -2.90 34.18
N PRO D 248 9.26 -2.83 35.26
CA PRO D 248 9.69 -2.26 36.53
C PRO D 248 11.04 -2.80 37.06
N LYS D 249 11.92 -1.88 37.45
CA LYS D 249 13.27 -2.13 37.97
C LYS D 249 14.31 -2.58 36.93
N SER D 250 13.92 -2.66 35.65
CA SER D 250 14.81 -3.18 34.62
C SER D 250 15.80 -2.14 34.21
N ASN D 251 15.47 -0.86 34.43
CA ASN D 251 16.28 0.24 33.95
C ASN D 251 17.47 0.43 34.86
N SER D 252 18.67 0.11 34.39
CA SER D 252 19.83 0.11 35.22
C SER D 252 21.14 0.15 34.44
N VAL D 253 22.23 0.34 35.19
CA VAL D 253 23.60 0.19 34.80
C VAL D 253 23.97 -1.24 35.06
N PHE D 254 24.53 -1.92 34.07
CA PHE D 254 25.01 -3.27 34.25
C PHE D 254 26.46 -3.19 34.62
N ASP D 255 26.76 -3.44 35.89
CA ASP D 255 28.13 -3.44 36.37
C ASP D 255 28.84 -4.78 36.01
N PHE D 256 29.44 -4.83 34.82
CA PHE D 256 30.09 -6.05 34.34
C PHE D 256 31.32 -6.42 35.14
N GLN D 257 31.92 -5.43 35.83
CA GLN D 257 33.07 -5.67 36.69
C GLN D 257 32.72 -6.56 37.89
N LYS D 258 31.62 -6.24 38.58
CA LYS D 258 31.16 -7.05 39.71
C LYS D 258 30.61 -8.38 39.20
N ALA D 259 29.84 -8.33 38.10
CA ALA D 259 29.16 -9.51 37.56
C ALA D 259 30.11 -10.61 37.11
N TYR D 260 31.26 -10.24 36.52
CA TYR D 260 32.25 -11.23 36.08
C TYR D 260 33.51 -11.21 36.95
N LYS D 261 33.43 -10.54 38.11
CA LYS D 261 34.48 -10.58 39.15
C LYS D 261 35.84 -10.19 38.60
N LEU D 262 35.88 -9.07 37.87
CA LEU D 262 37.09 -8.52 37.27
C LEU D 262 37.70 -7.46 38.17
N THR D 263 39.04 -7.33 38.12
CA THR D 263 39.73 -6.19 38.73
C THR D 263 39.42 -4.90 37.95
N GLU D 264 39.82 -3.75 38.49
CA GLU D 264 39.58 -2.46 37.82
C GLU D 264 40.34 -2.37 36.47
N GLU D 265 41.58 -2.88 36.46
CA GLU D 265 42.42 -2.88 35.28
C GLU D 265 41.82 -3.76 34.16
N GLU D 266 41.36 -4.96 34.53
CA GLU D 266 40.67 -5.83 33.57
C GLU D 266 39.47 -5.12 33.01
N ALA D 267 38.69 -4.46 33.88
CA ALA D 267 37.46 -3.82 33.45
C ALA D 267 37.73 -2.61 32.56
N LEU D 268 38.82 -1.89 32.81
CA LEU D 268 39.19 -0.69 31.99
C LEU D 268 39.60 -1.14 30.58
N ASP D 269 40.25 -2.30 30.45
CA ASP D 269 40.56 -2.87 29.12
C ASP D 269 39.32 -3.13 28.24
N VAL D 270 38.20 -3.44 28.89
CA VAL D 270 36.94 -3.62 28.20
C VAL D 270 36.36 -2.27 27.78
N SER D 271 36.23 -1.36 28.76
CA SER D 271 35.75 -0.02 28.52
C SER D 271 35.94 0.87 29.74
N ASP D 272 35.79 2.18 29.52
CA ASP D 272 35.75 3.15 30.61
C ASP D 272 34.30 3.41 31.07
N HIS D 273 33.33 2.87 30.34
CA HIS D 273 31.94 3.07 30.61
C HIS D 273 31.25 1.75 30.83
N PHE D 274 30.34 1.69 31.80
CA PHE D 274 29.45 0.57 31.95
C PHE D 274 28.26 0.75 31.01
N PRO D 275 27.69 -0.37 30.51
CA PRO D 275 26.46 -0.31 29.74
C PRO D 275 25.24 0.00 30.59
N VAL D 276 24.24 0.63 29.97
CA VAL D 276 22.94 0.93 30.55
C VAL D 276 21.93 0.13 29.76
N GLU D 277 20.79 -0.17 30.38
CA GLU D 277 19.81 -1.07 29.79
C GLU D 277 18.45 -0.94 30.37
N PHE D 278 17.45 -1.47 29.68
CA PHE D 278 16.13 -1.61 30.27
C PHE D 278 15.47 -2.73 29.53
N LYS D 279 14.28 -3.11 30.00
CA LYS D 279 13.49 -4.14 29.39
C LYS D 279 12.12 -3.64 29.05
N LEU D 280 11.60 -4.17 27.93
CA LEU D 280 10.28 -3.90 27.39
C LEU D 280 9.45 -5.12 27.51
N GLN D 281 8.22 -4.98 28.01
CA GLN D 281 7.35 -6.12 28.44
C GLN D 281 7.36 -7.39 27.52
MG MG E . 12.03 -5.44 -28.14
MG MG F . 6.89 -5.17 -14.35
MG MG G . 7.01 -1.82 -16.23
MG MG H . -6.60 6.38 -36.58
MG MG I . -5.66 6.33 -23.30
MG MG J . -2.84 3.13 -24.42
MG MG K . -37.19 -5.63 26.08
MG MG L . -38.45 -8.24 11.94
MG MG M . -35.99 -9.98 14.26
MG MG N . 32.71 5.00 38.64
MG MG O . 35.65 7.73 25.38
MG MG P . 33.25 11.39 24.34
#